data_3F50
# 
_entry.id   3F50 
# 
_audit_conform.dict_name       mmcif_pdbx.dic 
_audit_conform.dict_version    5.381 
_audit_conform.dict_location   http://mmcif.pdb.org/dictionaries/ascii/mmcif_pdbx.dic 
# 
loop_
_database_2.database_id 
_database_2.database_code 
_database_2.pdbx_database_accession 
_database_2.pdbx_DOI 
PDB   3F50         pdb_00003f50 10.2210/pdb3f50/pdb 
RCSB  RCSB050154   ?            ?                   
WWPDB D_1000050154 ?            ?                   
# 
loop_
_pdbx_database_related.db_name 
_pdbx_database_related.db_id 
_pdbx_database_related.details 
_pdbx_database_related.content_type 
PDB 3F4Y . unspecified 
PDB 3F4Z . unspecified 
# 
_pdbx_database_status.status_code                     REL 
_pdbx_database_status.entry_id                        3F50 
_pdbx_database_status.recvd_initial_deposition_date   2008-11-03 
_pdbx_database_status.deposit_site                    RCSB 
_pdbx_database_status.process_site                    RCSB 
_pdbx_database_status.status_code_sf                  REL 
_pdbx_database_status.status_code_mr                  ? 
_pdbx_database_status.SG_entry                        ? 
_pdbx_database_status.pdb_format_compatible           Y 
_pdbx_database_status.status_code_cs                  ? 
_pdbx_database_status.status_code_nmr_data            ? 
_pdbx_database_status.methods_development_category    ? 
# 
loop_
_audit_author.name 
_audit_author.pdbx_ordinal 
'Horne, W.S.'   1 
'Gellman, S.H.' 2 
# 
_citation.id                        primary 
_citation.title                     
'Structural and biological mimicry of protein surface recognition by alpha/beta-peptide foldamers' 
_citation.journal_abbrev            Proc.Natl.Acad.Sci.USA 
_citation.journal_volume            106 
_citation.page_first                14751 
_citation.page_last                 14756 
_citation.year                      2009 
_citation.journal_id_ASTM           PNASA6 
_citation.country                   US 
_citation.journal_id_ISSN           0027-8424 
_citation.journal_id_CSD            0040 
_citation.book_publisher            ? 
_citation.pdbx_database_id_PubMed   19706443 
_citation.pdbx_database_id_DOI      10.1073/pnas.0902663106 
# 
loop_
_citation_author.citation_id 
_citation_author.name 
_citation_author.ordinal 
_citation_author.identifier_ORCID 
primary 'Horne, W.S.'   1 ? 
primary 'Johnson, L.M.' 2 ? 
primary 'Ketas, T.J.'   3 ? 
primary 'Klasse, P.J.'  4 ? 
primary 'Lu, M.'        5 ? 
primary 'Moore, J.P.'   6 ? 
primary 'Gellman, S.H.' 7 ? 
# 
_cell.entry_id           3F50 
_cell.length_a           84.945 
_cell.length_b           84.945 
_cell.length_c           84.945 
_cell.angle_alpha        90.00 
_cell.angle_beta         90.00 
_cell.angle_gamma        90.00 
_cell.Z_PDB              24 
_cell.pdbx_unique_axis   ? 
_cell.length_a_esd       ? 
_cell.length_b_esd       ? 
_cell.length_c_esd       ? 
_cell.angle_alpha_esd    ? 
_cell.angle_beta_esd     ? 
_cell.angle_gamma_esd    ? 
# 
_symmetry.entry_id                         3F50 
_symmetry.space_group_name_H-M             'P 41 3 2' 
_symmetry.pdbx_full_space_group_name_H-M   ? 
_symmetry.cell_setting                     ? 
_symmetry.Int_Tables_number                213 
_symmetry.space_group_name_Hall            ? 
# 
loop_
_entity.id 
_entity.type 
_entity.src_method 
_entity.pdbx_description 
_entity.formula_weight 
_entity.pdbx_number_of_molecules 
_entity.pdbx_ec 
_entity.pdbx_mutation 
_entity.pdbx_fragment 
_entity.details 
1 polymer     syn 'Envelope glycoprotein gp160'                            4150.851 1 ? ? 'UNP RESIDUES 545 TO 580' ? 
2 polymer     syn 'alpha/beta-peptide analogue of the HIV gp41 CHR domain' 4526.087 1 ? ? ?                         ? 
3 non-polymer syn GLYCEROL                                                 92.094   1 ? ? ?                         ? 
4 water       nat water                                                    18.015   5 ? ? ?                         ? 
# 
_entity_name_com.entity_id   1 
_entity_name_com.name        
'Env polyprotein, Surface protein, SU, Glycoprotein 120, gp120, Transmembrane protein, TM, Glycoprotein 41, gp41' 
# 
loop_
_entity_poly.entity_id 
_entity_poly.type 
_entity_poly.nstd_linkage 
_entity_poly.nstd_monomer 
_entity_poly.pdbx_seq_one_letter_code 
_entity_poly.pdbx_seq_one_letter_code_can 
_entity_poly.pdbx_strand_id 
_entity_poly.pdbx_target_identifier 
1 'polypeptide(L)' no yes '(ACE)SGIVQQQNNLLRAIEAQQHLLQLTVWGIKQLQARIL(NH2)'                                                
XSGIVQQQNNLLRAIEAQQHLLQLTVWGIKQLQARILX   A ? 
2 'polypeptide(L)' no yes 
;(ACE)(B3T)TWE(XCP)WD(XPC)AIA(B3E)YA(XCP)RIE(XCP)LI(XPC)AAQ(B3E)QQ(B3E)KNE(XCP)AL
(XPC)EL(NH2)
;
XXTWEXWDXAIAEYAXRIEXLIXAAQEQQEKNEXALXELX B ? 
# 
loop_
_entity_poly_seq.entity_id 
_entity_poly_seq.num 
_entity_poly_seq.mon_id 
_entity_poly_seq.hetero 
1 1  ACE n 
1 2  SER n 
1 3  GLY n 
1 4  ILE n 
1 5  VAL n 
1 6  GLN n 
1 7  GLN n 
1 8  GLN n 
1 9  ASN n 
1 10 ASN n 
1 11 LEU n 
1 12 LEU n 
1 13 ARG n 
1 14 ALA n 
1 15 ILE n 
1 16 GLU n 
1 17 ALA n 
1 18 GLN n 
1 19 GLN n 
1 20 HIS n 
1 21 LEU n 
1 22 LEU n 
1 23 GLN n 
1 24 LEU n 
1 25 THR n 
1 26 VAL n 
1 27 TRP n 
1 28 GLY n 
1 29 ILE n 
1 30 LYS n 
1 31 GLN n 
1 32 LEU n 
1 33 GLN n 
1 34 ALA n 
1 35 ARG n 
1 36 ILE n 
1 37 LEU n 
1 38 NH2 n 
2 1  ACE n 
2 2  B3T n 
2 3  THR n 
2 4  TRP n 
2 5  GLU n 
2 6  XCP n 
2 7  TRP n 
2 8  ASP n 
2 9  XPC n 
2 10 ALA n 
2 11 ILE n 
2 12 ALA n 
2 13 B3E n 
2 14 TYR n 
2 15 ALA n 
2 16 XCP n 
2 17 ARG n 
2 18 ILE n 
2 19 GLU n 
2 20 XCP n 
2 21 LEU n 
2 22 ILE n 
2 23 XPC n 
2 24 ALA n 
2 25 ALA n 
2 26 GLN n 
2 27 B3E n 
2 28 GLN n 
2 29 GLN n 
2 30 B3E n 
2 31 LYS n 
2 32 ASN n 
2 33 GLU n 
2 34 XCP n 
2 35 ALA n 
2 36 LEU n 
2 37 XPC n 
2 38 GLU n 
2 39 LEU n 
2 40 NH2 n 
# 
loop_
_pdbx_entity_src_syn.entity_id 
_pdbx_entity_src_syn.pdbx_src_id 
_pdbx_entity_src_syn.pdbx_alt_source_flag 
_pdbx_entity_src_syn.pdbx_beg_seq_num 
_pdbx_entity_src_syn.pdbx_end_seq_num 
_pdbx_entity_src_syn.organism_scientific 
_pdbx_entity_src_syn.organism_common_name 
_pdbx_entity_src_syn.ncbi_taxonomy_id 
_pdbx_entity_src_syn.details 
1 1 sample ? ? ? ? ? 'The peptide is chemically synthesized. It is found naturally in HIV.' 
2 1 sample ? ? ? ? ? 'Synthetic peptide.'                                                   
# 
loop_
_struct_ref.id 
_struct_ref.db_name 
_struct_ref.db_code 
_struct_ref.pdbx_db_accession 
_struct_ref.entity_id 
_struct_ref.pdbx_align_begin 
_struct_ref.pdbx_seq_one_letter_code 
_struct_ref.pdbx_db_isoform 
1 UNP ENV_HV1Z6 P04580 1 545 SGIVQQQNNLLRAIEAQQHLLQLTVWGIKQLQARIL     ? 
2 PDB 3F50      3F50   2 1   XXTWEXWDXAIAEYAXRIEXLIXAAQEQQEKNEXALXELX ? 
# 
loop_
_struct_ref_seq.align_id 
_struct_ref_seq.ref_id 
_struct_ref_seq.pdbx_PDB_id_code 
_struct_ref_seq.pdbx_strand_id 
_struct_ref_seq.seq_align_beg 
_struct_ref_seq.pdbx_seq_align_beg_ins_code 
_struct_ref_seq.seq_align_end 
_struct_ref_seq.pdbx_seq_align_end_ins_code 
_struct_ref_seq.pdbx_db_accession 
_struct_ref_seq.db_align_beg 
_struct_ref_seq.pdbx_db_align_beg_ins_code 
_struct_ref_seq.db_align_end 
_struct_ref_seq.pdbx_db_align_end_ins_code 
_struct_ref_seq.pdbx_auth_seq_align_beg 
_struct_ref_seq.pdbx_auth_seq_align_end 
1 1 3F50 A 2 ? 37 ? P04580 545 ? 580 ? 1 36 
2 2 3F50 B 1 ? 40 ? 3F50   0   ? 39  ? 0 39 
# 
loop_
_chem_comp.id 
_chem_comp.type 
_chem_comp.mon_nstd_flag 
_chem_comp.name 
_chem_comp.pdbx_synonyms 
_chem_comp.formula 
_chem_comp.formula_weight 
ACE non-polymer         . 'ACETYL GROUP'                                 ?                                              'C2 H4 O' 
44.053  
ALA 'L-peptide linking' y ALANINE                                        ?                                              
'C3 H7 N O2'     89.093  
ARG 'L-peptide linking' y ARGININE                                       ?                                              
'C6 H15 N4 O2 1' 175.209 
ASN 'L-peptide linking' y ASPARAGINE                                     ?                                              
'C4 H8 N2 O3'    132.118 
ASP 'L-peptide linking' y 'ASPARTIC ACID'                                ?                                              
'C4 H7 N O4'     133.103 
B3E 'L-peptide linking' n '(3S)-3-AMINOHEXANEDIOIC ACID'                 ?                                              
'C6 H11 N O4'    161.156 
B3T 'L-peptide linking' . '3-amino-2,3,5-trideoxy-D-threo-pentonic acid' ?                                              
'C5 H11 N O3'    133.146 
GLN 'L-peptide linking' y GLUTAMINE                                      ?                                              
'C5 H10 N2 O3'   146.144 
GLU 'L-peptide linking' y 'GLUTAMIC ACID'                                ?                                              
'C5 H9 N O4'     147.129 
GLY 'peptide linking'   y GLYCINE                                        ?                                              
'C2 H5 N O2'     75.067  
GOL non-polymer         . GLYCEROL                                       'GLYCERIN; PROPANE-1,2,3-TRIOL'                'C3 H8 O3' 
92.094  
HIS 'L-peptide linking' y HISTIDINE                                      ?                                              
'C6 H10 N3 O2 1' 156.162 
HOH non-polymer         . WATER                                          ?                                              'H2 O' 
18.015  
ILE 'L-peptide linking' y ISOLEUCINE                                     ?                                              
'C6 H13 N O2'    131.173 
LEU 'L-peptide linking' y LEUCINE                                        ?                                              
'C6 H13 N O2'    131.173 
LYS 'L-peptide linking' y LYSINE                                         ?                                              
'C6 H15 N2 O2 1' 147.195 
NH2 non-polymer         . 'AMINO GROUP'                                  ?                                              'H2 N' 
16.023  
SER 'L-peptide linking' y SERINE                                         ?                                              
'C3 H7 N O3'     105.093 
THR 'L-peptide linking' y THREONINE                                      ?                                              
'C4 H9 N O3'     119.119 
TRP 'L-peptide linking' y TRYPTOPHAN                                     ?                                              
'C11 H12 N2 O2'  204.225 
TYR 'L-peptide linking' y TYROSINE                                       ?                                              
'C9 H11 N O3'    181.189 
VAL 'L-peptide linking' y VALINE                                         ?                                              
'C5 H11 N O2'    117.146 
XCP peptide-like        . '(1S,2S)-2-aminocyclopentanecarboxylic acid'   ?                                              
'C6 H11 N O2'    129.157 
XPC peptide-like        . '(3S,4R)-4-aminopyrrolidine-3-carboxylic acid' '(3R,4S)-3-Aminopyrrolidine-4-carboxylic acid' 
'C5 H10 N2 O2'   130.145 
# 
_exptl.entry_id          3F50 
_exptl.method            'X-RAY DIFFRACTION' 
_exptl.crystals_number   1 
# 
_exptl_crystal.id                    1 
_exptl_crystal.density_meas          ? 
_exptl_crystal.density_Matthews      2.94 
_exptl_crystal.density_percent_sol   58.21 
_exptl_crystal.description           ? 
_exptl_crystal.F_000                 ? 
_exptl_crystal.preparation           ? 
# 
_exptl_crystal_grow.crystal_id      1 
_exptl_crystal_grow.method          'VAPOR DIFFUSION, HANGING DROP' 
_exptl_crystal_grow.temp            298 
_exptl_crystal_grow.temp_details    ? 
_exptl_crystal_grow.pH              8.5 
_exptl_crystal_grow.pdbx_details    
'0.2 M NaCl, 0.1 M Tris pH 8.5, 25% w/v PEG 3350, VAPOR DIFFUSION, HANGING DROP, temperature 298K' 
_exptl_crystal_grow.pdbx_pH_range   ? 
# 
_diffrn.id                     1 
_diffrn.ambient_temp           100 
_diffrn.ambient_temp_details   ? 
_diffrn.crystal_id             1 
# 
_diffrn_detector.diffrn_id              1 
_diffrn_detector.detector               CCD 
_diffrn_detector.type                   'MARMOSAIC 300 mm CCD' 
_diffrn_detector.pdbx_collection_date   2008-10-04 
_diffrn_detector.details                ? 
# 
_diffrn_radiation.diffrn_id                        1 
_diffrn_radiation.wavelength_id                    1 
_diffrn_radiation.pdbx_monochromatic_or_laue_m_l   M 
_diffrn_radiation.monochromator                    'C(111)' 
_diffrn_radiation.pdbx_diffrn_protocol             'SINGLE WAVELENGTH' 
_diffrn_radiation.pdbx_scattering_type             x-ray 
# 
_diffrn_radiation_wavelength.id           1 
_diffrn_radiation_wavelength.wavelength   0.97857 
_diffrn_radiation_wavelength.wt           1.0 
# 
_diffrn_source.diffrn_id                   1 
_diffrn_source.source                      SYNCHROTRON 
_diffrn_source.type                        'APS BEAMLINE 21-ID-G' 
_diffrn_source.pdbx_synchrotron_site       APS 
_diffrn_source.pdbx_synchrotron_beamline   21-ID-G 
_diffrn_source.pdbx_wavelength             ? 
_diffrn_source.pdbx_wavelength_list        0.97857 
# 
_reflns.entry_id                     3F50 
_reflns.observed_criterion_sigma_I   ? 
_reflns.observed_criterion_sigma_F   ? 
_reflns.d_resolution_low             50.0 
_reflns.d_resolution_high            2.9 
_reflns.number_obs                   2893 
_reflns.number_all                   ? 
_reflns.percent_possible_obs         99.8 
_reflns.pdbx_Rmerge_I_obs            ? 
_reflns.pdbx_Rsym_value              0.061 
_reflns.pdbx_netI_over_sigmaI        31.6 
_reflns.B_iso_Wilson_estimate        ? 
_reflns.pdbx_redundancy              7.8 
_reflns.R_free_details               ? 
_reflns.limit_h_max                  ? 
_reflns.limit_h_min                  ? 
_reflns.limit_k_max                  ? 
_reflns.limit_k_min                  ? 
_reflns.limit_l_max                  ? 
_reflns.limit_l_min                  ? 
_reflns.observed_criterion_F_max     ? 
_reflns.observed_criterion_F_min     ? 
_reflns.pdbx_chi_squared             ? 
_reflns.pdbx_scaling_rejects         ? 
_reflns.pdbx_ordinal                 1 
_reflns.pdbx_diffrn_id               1 
# 
_reflns_shell.d_res_high             2.8 
_reflns_shell.d_res_low              2.9 
_reflns_shell.percent_possible_all   98.2 
_reflns_shell.Rmerge_I_obs           ? 
_reflns_shell.pdbx_Rsym_value        0.512 
_reflns_shell.meanI_over_sigI_obs    2.8 
_reflns_shell.pdbx_redundancy        6.2 
_reflns_shell.percent_possible_obs   ? 
_reflns_shell.number_unique_all      ? 
_reflns_shell.number_measured_all    ? 
_reflns_shell.number_measured_obs    ? 
_reflns_shell.number_unique_obs      ? 
_reflns_shell.pdbx_chi_squared       ? 
_reflns_shell.pdbx_ordinal           1 
_reflns_shell.pdbx_diffrn_id         1 
# 
_refine.entry_id                                 3F50 
_refine.ls_number_reflns_obs                     2730 
_refine.ls_number_reflns_all                     ? 
_refine.pdbx_ls_sigma_I                          ? 
_refine.pdbx_ls_sigma_F                          ? 
_refine.pdbx_data_cutoff_high_absF               ? 
_refine.pdbx_data_cutoff_low_absF                ? 
_refine.pdbx_data_cutoff_high_rms_absF           ? 
_refine.ls_d_res_low                             25.00 
_refine.ls_d_res_high                            2.80 
_refine.ls_percent_reflns_obs                    99.86 
_refine.ls_R_factor_obs                          0.26812 
_refine.ls_R_factor_all                          ? 
_refine.ls_R_factor_R_work                       0.26645 
_refine.ls_R_factor_R_free                       0.30655 
_refine.ls_R_factor_R_free_error                 ? 
_refine.ls_R_factor_R_free_error_details         ? 
_refine.ls_percent_reflns_R_free                 4.5 
_refine.ls_number_reflns_R_free                  130 
_refine.ls_number_parameters                     ? 
_refine.ls_number_restraints                     ? 
_refine.occupancy_min                            ? 
_refine.occupancy_max                            ? 
_refine.correlation_coeff_Fo_to_Fc               0.931 
_refine.correlation_coeff_Fo_to_Fc_free          0.884 
_refine.B_iso_mean                               74.307 
_refine.aniso_B[1][1]                            ? 
_refine.aniso_B[2][2]                            ? 
_refine.aniso_B[3][3]                            ? 
_refine.aniso_B[1][2]                            ? 
_refine.aniso_B[1][3]                            ? 
_refine.aniso_B[2][3]                            ? 
_refine.solvent_model_details                    MASK 
_refine.solvent_model_param_ksol                 ? 
_refine.solvent_model_param_bsol                 ? 
_refine.pdbx_solvent_vdw_probe_radii             1.20 
_refine.pdbx_solvent_ion_probe_radii             0.80 
_refine.pdbx_solvent_shrinkage_radii             0.80 
_refine.pdbx_ls_cross_valid_method               THROUGHOUT 
_refine.details                                  ? 
_refine.pdbx_starting_model                      'PDB entries 3F4Y and 3F4Z' 
_refine.pdbx_method_to_determine_struct          'MOLECULAR REPLACEMENT' 
_refine.pdbx_isotropic_thermal_model             ? 
_refine.pdbx_stereochemistry_target_values       'MAXIMUM LIKELIHOOD' 
_refine.pdbx_stereochem_target_val_spec_case     ? 
_refine.pdbx_R_Free_selection_details            RANDOM 
_refine.pdbx_overall_ESU_R                       0.710 
_refine.pdbx_overall_ESU_R_Free                  0.385 
_refine.overall_SU_ML                            0.315 
_refine.overall_SU_B                             18.055 
_refine.ls_redundancy_reflns_obs                 ? 
_refine.B_iso_min                                ? 
_refine.B_iso_max                                ? 
_refine.overall_SU_R_Cruickshank_DPI             ? 
_refine.overall_SU_R_free                        ? 
_refine.ls_wR_factor_R_free                      ? 
_refine.ls_wR_factor_R_work                      ? 
_refine.overall_FOM_free_R_set                   ? 
_refine.overall_FOM_work_R_set                   ? 
_refine.pdbx_overall_phase_error                 ? 
_refine.pdbx_refine_id                           'X-RAY DIFFRACTION' 
_refine.pdbx_diffrn_id                           1 
_refine.pdbx_TLS_residual_ADP_flag               ? 
_refine.pdbx_overall_SU_R_free_Cruickshank_DPI   ? 
_refine.pdbx_overall_SU_R_Blow_DPI               ? 
_refine.pdbx_overall_SU_R_free_Blow_DPI          ? 
# 
_refine_hist.pdbx_refine_id                   'X-RAY DIFFRACTION' 
_refine_hist.cycle_id                         LAST 
_refine_hist.pdbx_number_atoms_protein        514 
_refine_hist.pdbx_number_atoms_nucleic_acid   0 
_refine_hist.pdbx_number_atoms_ligand         6 
_refine_hist.number_atoms_solvent             5 
_refine_hist.number_atoms_total               525 
_refine_hist.d_res_high                       2.80 
_refine_hist.d_res_low                        25.00 
# 
loop_
_refine_ls_restr.type 
_refine_ls_restr.dev_ideal 
_refine_ls_restr.dev_ideal_target 
_refine_ls_restr.weight 
_refine_ls_restr.number 
_refine_ls_restr.pdbx_refine_id 
_refine_ls_restr.pdbx_restraint_function 
r_bond_refined_d             0.013  0.021  ? 532 'X-RAY DIFFRACTION' ? 
r_bond_other_d               ?      ?      ? ?   'X-RAY DIFFRACTION' ? 
r_angle_refined_deg          1.743  2.087  ? 723 'X-RAY DIFFRACTION' ? 
r_angle_other_deg            ?      ?      ? ?   'X-RAY DIFFRACTION' ? 
r_dihedral_angle_1_deg       6.534  5.000  ? 47  'X-RAY DIFFRACTION' ? 
r_dihedral_angle_2_deg       34.552 26.364 ? 22  'X-RAY DIFFRACTION' ? 
r_dihedral_angle_3_deg       21.327 15.000 ? 74  'X-RAY DIFFRACTION' ? 
r_dihedral_angle_4_deg       9.016  15.000 ? 3   'X-RAY DIFFRACTION' ? 
r_chiral_restr               0.095  0.200  ? 91  'X-RAY DIFFRACTION' ? 
r_gen_planes_refined         0.003  0.015  ? 397 'X-RAY DIFFRACTION' ? 
r_gen_planes_other           ?      ?      ? ?   'X-RAY DIFFRACTION' ? 
r_nbd_refined                ?      ?      ? ?   'X-RAY DIFFRACTION' ? 
r_nbd_other                  ?      ?      ? ?   'X-RAY DIFFRACTION' ? 
r_nbtor_refined              ?      ?      ? ?   'X-RAY DIFFRACTION' ? 
r_nbtor_other                ?      ?      ? ?   'X-RAY DIFFRACTION' ? 
r_xyhbond_nbd_refined        ?      ?      ? ?   'X-RAY DIFFRACTION' ? 
r_xyhbond_nbd_other          ?      ?      ? ?   'X-RAY DIFFRACTION' ? 
r_metal_ion_refined          ?      ?      ? ?   'X-RAY DIFFRACTION' ? 
r_metal_ion_other            ?      ?      ? ?   'X-RAY DIFFRACTION' ? 
r_symmetry_vdw_refined       ?      ?      ? ?   'X-RAY DIFFRACTION' ? 
r_symmetry_vdw_other         ?      ?      ? ?   'X-RAY DIFFRACTION' ? 
r_symmetry_hbond_refined     ?      ?      ? ?   'X-RAY DIFFRACTION' ? 
r_symmetry_hbond_other       ?      ?      ? ?   'X-RAY DIFFRACTION' ? 
r_symmetry_metal_ion_refined ?      ?      ? ?   'X-RAY DIFFRACTION' ? 
r_symmetry_metal_ion_other   ?      ?      ? ?   'X-RAY DIFFRACTION' ? 
r_mcbond_it                  0.932  1.500  ? 349 'X-RAY DIFFRACTION' ? 
r_mcbond_other               ?      ?      ? ?   'X-RAY DIFFRACTION' ? 
r_mcangle_it                 1.703  2.000  ? 550 'X-RAY DIFFRACTION' ? 
r_scbond_it                  1.347  3.000  ? 183 'X-RAY DIFFRACTION' ? 
r_scangle_it                 2.568  4.500  ? 173 'X-RAY DIFFRACTION' ? 
r_rigid_bond_restr           ?      ?      ? ?   'X-RAY DIFFRACTION' ? 
r_sphericity_free            ?      ?      ? ?   'X-RAY DIFFRACTION' ? 
r_sphericity_bonded          ?      ?      ? ?   'X-RAY DIFFRACTION' ? 
# 
_refine_ls_shell.pdbx_total_number_of_bins_used   20 
_refine_ls_shell.d_res_high                       2.800 
_refine_ls_shell.d_res_low                        2.872 
_refine_ls_shell.number_reflns_R_work             184 
_refine_ls_shell.R_factor_R_work                  0.388 
_refine_ls_shell.percent_reflns_obs               98.00 
_refine_ls_shell.R_factor_R_free                  0.347 
_refine_ls_shell.R_factor_R_free_error            ? 
_refine_ls_shell.percent_reflns_R_free            ? 
_refine_ls_shell.number_reflns_R_free             12 
_refine_ls_shell.number_reflns_all                ? 
_refine_ls_shell.R_factor_all                     ? 
_refine_ls_shell.number_reflns_obs                ? 
_refine_ls_shell.redundancy_reflns_obs            ? 
_refine_ls_shell.pdbx_refine_id                   'X-RAY DIFFRACTION' 
# 
_struct.entry_id                  3F50 
_struct.title                     
'HIV gp41 six-helix bundle composed of an alpha/beta-peptide analogue of the CHR domain in complex with an NHR domain alpha-peptide' 
_struct.pdbx_model_details        ? 
_struct.pdbx_CASP_flag            ? 
_struct.pdbx_model_type_details   ? 
# 
_struct_keywords.entry_id        3F50 
_struct_keywords.pdbx_keywords   'VIRAL PROTEIN' 
_struct_keywords.text            
;alpha/beta-peptide, helix bundle, VIRAL PROTEIN, AIDS, Apoptosis, Cell membrane, Cleavage on pair of basic residues, Envelope protein, Fusion protein, Glycoprotein, Host-virus interaction, Lipoprotein, Membrane, Palmitate, Transmembrane, Viral immunoevasion, Virion
;
# 
loop_
_struct_asym.id 
_struct_asym.pdbx_blank_PDB_chainid_flag 
_struct_asym.pdbx_modified 
_struct_asym.entity_id 
_struct_asym.details 
A N N 1 ? 
B N N 2 ? 
C N N 3 ? 
D N N 4 ? 
E N N 4 ? 
# 
_struct_biol.id        1 
_struct_biol.details   ? 
# 
loop_
_struct_conf.conf_type_id 
_struct_conf.id 
_struct_conf.pdbx_PDB_helix_id 
_struct_conf.beg_label_comp_id 
_struct_conf.beg_label_asym_id 
_struct_conf.beg_label_seq_id 
_struct_conf.pdbx_beg_PDB_ins_code 
_struct_conf.end_label_comp_id 
_struct_conf.end_label_asym_id 
_struct_conf.end_label_seq_id 
_struct_conf.pdbx_end_PDB_ins_code 
_struct_conf.beg_auth_comp_id 
_struct_conf.beg_auth_asym_id 
_struct_conf.beg_auth_seq_id 
_struct_conf.end_auth_comp_id 
_struct_conf.end_auth_asym_id 
_struct_conf.end_auth_seq_id 
_struct_conf.pdbx_PDB_helix_class 
_struct_conf.details 
_struct_conf.pdbx_PDB_helix_length 
HELX_P HELX_P1 1 GLY A 3 ? GLN A 33 ? GLY A 2 GLN A 32 1 ? 31 
HELX_P HELX_P2 2 GLU B 5 ? LYS B 31 ? GLU B 4 LYS B 30 1 ? 27 
# 
_struct_conf_type.id          HELX_P 
_struct_conf_type.criteria    ? 
_struct_conf_type.reference   ? 
# 
loop_
_struct_conn.id 
_struct_conn.conn_type_id 
_struct_conn.pdbx_leaving_atom_flag 
_struct_conn.pdbx_PDB_id 
_struct_conn.ptnr1_label_asym_id 
_struct_conn.ptnr1_label_comp_id 
_struct_conn.ptnr1_label_seq_id 
_struct_conn.ptnr1_label_atom_id 
_struct_conn.pdbx_ptnr1_label_alt_id 
_struct_conn.pdbx_ptnr1_PDB_ins_code 
_struct_conn.pdbx_ptnr1_standard_comp_id 
_struct_conn.ptnr1_symmetry 
_struct_conn.ptnr2_label_asym_id 
_struct_conn.ptnr2_label_comp_id 
_struct_conn.ptnr2_label_seq_id 
_struct_conn.ptnr2_label_atom_id 
_struct_conn.pdbx_ptnr2_label_alt_id 
_struct_conn.pdbx_ptnr2_PDB_ins_code 
_struct_conn.ptnr1_auth_asym_id 
_struct_conn.ptnr1_auth_comp_id 
_struct_conn.ptnr1_auth_seq_id 
_struct_conn.ptnr2_auth_asym_id 
_struct_conn.ptnr2_auth_comp_id 
_struct_conn.ptnr2_auth_seq_id 
_struct_conn.ptnr2_symmetry 
_struct_conn.pdbx_ptnr3_label_atom_id 
_struct_conn.pdbx_ptnr3_label_seq_id 
_struct_conn.pdbx_ptnr3_label_comp_id 
_struct_conn.pdbx_ptnr3_label_asym_id 
_struct_conn.pdbx_ptnr3_label_alt_id 
_struct_conn.pdbx_ptnr3_PDB_ins_code 
_struct_conn.details 
_struct_conn.pdbx_dist_value 
_struct_conn.pdbx_value_order 
_struct_conn.pdbx_role 
covale1  covale both ? B GLU 5  C ? ? ? 1_555 B XCP 6  N ? ? B GLU 4  B XCP 5  1_555 ? ? ? ? ? ? ? 1.338 ? ? 
covale2  covale both ? B XCP 6  C ? ? ? 1_555 B TRP 7  N ? ? B XCP 5  B TRP 6  1_555 ? ? ? ? ? ? ? 1.336 ? ? 
covale3  covale both ? B ASP 8  C ? ? ? 1_555 B XPC 9  N ? ? B ASP 7  B XPC 8  1_555 ? ? ? ? ? ? ? 1.321 ? ? 
covale4  covale both ? B XPC 9  C ? ? ? 1_555 B ALA 10 N ? ? B XPC 8  B ALA 9  1_555 ? ? ? ? ? ? ? 1.339 ? ? 
covale5  covale both ? B ALA 12 C ? ? ? 1_555 B B3E 13 N ? ? B ALA 11 B B3E 12 1_555 ? ? ? ? ? ? ? 1.337 ? ? 
covale6  covale both ? B B3E 13 C ? ? ? 1_555 B TYR 14 N ? ? B B3E 12 B TYR 13 1_555 ? ? ? ? ? ? ? 1.334 ? ? 
covale7  covale both ? B ALA 15 C ? ? ? 1_555 B XCP 16 N ? ? B ALA 14 B XCP 15 1_555 ? ? ? ? ? ? ? 1.336 ? ? 
covale8  covale both ? B XCP 16 C ? ? ? 1_555 B ARG 17 N ? ? B XCP 15 B ARG 16 1_555 ? ? ? ? ? ? ? 1.314 ? ? 
covale9  covale both ? B GLU 19 C ? ? ? 1_555 B XCP 20 N ? ? B GLU 18 B XCP 19 1_555 ? ? ? ? ? ? ? 1.333 ? ? 
covale10 covale both ? B XCP 20 C ? ? ? 1_555 B LEU 21 N ? ? B XCP 19 B LEU 20 1_555 ? ? ? ? ? ? ? 1.308 ? ? 
covale11 covale both ? B ILE 22 C ? ? ? 1_555 B XPC 23 N ? ? B ILE 21 B XPC 22 1_555 ? ? ? ? ? ? ? 1.317 ? ? 
covale12 covale both ? B XPC 23 C ? ? ? 1_555 B ALA 24 N ? ? B XPC 22 B ALA 23 1_555 ? ? ? ? ? ? ? 1.320 ? ? 
covale13 covale both ? B GLN 26 C ? ? ? 1_555 B B3E 27 N ? ? B GLN 25 B B3E 26 1_555 ? ? ? ? ? ? ? 1.326 ? ? 
covale14 covale both ? B B3E 27 C ? ? ? 1_555 B GLN 28 N ? ? B B3E 26 B GLN 27 1_555 ? ? ? ? ? ? ? 1.330 ? ? 
covale15 covale both ? B GLN 29 C ? ? ? 1_555 B B3E 30 N ? ? B GLN 28 B B3E 29 1_555 ? ? ? ? ? ? ? 1.333 ? ? 
covale16 covale both ? B B3E 30 C ? ? ? 1_555 B LYS 31 N ? ? B B3E 29 B LYS 30 1_555 ? ? ? ? ? ? ? 1.341 ? ? 
covale17 covale both ? B GLU 33 C ? ? ? 1_555 B XCP 34 N ? ? B GLU 32 B XCP 33 1_555 ? ? ? ? ? ? ? 1.351 ? ? 
covale18 covale both ? B XCP 34 C ? ? ? 1_555 B ALA 35 N ? ? B XCP 33 B ALA 34 1_555 ? ? ? ? ? ? ? 1.315 ? ? 
covale19 covale both ? B LEU 36 C ? ? ? 1_555 B XPC 37 N ? ? B LEU 35 B XPC 36 1_555 ? ? ? ? ? ? ? 1.321 ? ? 
covale20 covale both ? B XPC 37 C ? ? ? 1_555 B GLU 38 N ? ? B XPC 36 B GLU 37 1_555 ? ? ? ? ? ? ? 1.341 ? ? 
# 
_struct_conn_type.id          covale 
_struct_conn_type.criteria    ? 
_struct_conn_type.reference   ? 
# 
_struct_site.id                   AC1 
_struct_site.pdbx_evidence_code   Software 
_struct_site.pdbx_auth_asym_id    A 
_struct_site.pdbx_auth_comp_id    GOL 
_struct_site.pdbx_auth_seq_id     38 
_struct_site.pdbx_auth_ins_code   ? 
_struct_site.pdbx_num_residues    4 
_struct_site.details              'BINDING SITE FOR RESIDUE GOL A 38' 
# 
loop_
_struct_site_gen.id 
_struct_site_gen.site_id 
_struct_site_gen.pdbx_num_res 
_struct_site_gen.label_comp_id 
_struct_site_gen.label_asym_id 
_struct_site_gen.label_seq_id 
_struct_site_gen.pdbx_auth_ins_code 
_struct_site_gen.auth_comp_id 
_struct_site_gen.auth_asym_id 
_struct_site_gen.auth_seq_id 
_struct_site_gen.label_atom_id 
_struct_site_gen.label_alt_id 
_struct_site_gen.symmetry 
_struct_site_gen.details 
1 AC1 4 LEU A 24 ? LEU A 23 . ? 9_555 ? 
2 AC1 4 THR A 25 ? THR A 24 . ? 9_555 ? 
3 AC1 4 ILE A 29 ? ILE A 28 . ? 1_555 ? 
4 AC1 4 ASP B 8  ? ASP B 7  . ? 1_555 ? 
# 
_atom_sites.entry_id                    3F50 
_atom_sites.fract_transf_matrix[1][1]   -0.01099223 
_atom_sites.fract_transf_matrix[1][2]   0.00367242 
_atom_sites.fract_transf_matrix[1][3]   -0.00206498 
_atom_sites.fract_transf_matrix[2][1]   0.00263668 
_atom_sites.fract_transf_matrix[2][2]   0.01049645 
_atom_sites.fract_transf_matrix[2][3]   0.00463167 
_atom_sites.fract_transf_matrix[3][1]   0.00328614 
_atom_sites.fract_transf_matrix[3][2]   0.00386236 
_atom_sites.fract_transf_matrix[3][3]   -0.01062372 
_atom_sites.fract_transf_vector[1]      -0.022186 
_atom_sites.fract_transf_vector[2]      0.050107 
_atom_sites.fract_transf_vector[3]      0.115413 
# 
loop_
_atom_type.symbol 
C 
N 
O 
# 
loop_
_atom_site.group_PDB 
_atom_site.id 
_atom_site.type_symbol 
_atom_site.label_atom_id 
_atom_site.label_alt_id 
_atom_site.label_comp_id 
_atom_site.label_asym_id 
_atom_site.label_entity_id 
_atom_site.label_seq_id 
_atom_site.pdbx_PDB_ins_code 
_atom_site.Cartn_x 
_atom_site.Cartn_y 
_atom_site.Cartn_z 
_atom_site.occupancy 
_atom_site.B_iso_or_equiv 
_atom_site.pdbx_formal_charge 
_atom_site.auth_seq_id 
_atom_site.auth_comp_id 
_atom_site.auth_asym_id 
_atom_site.auth_atom_id 
_atom_site.pdbx_PDB_model_num 
ATOM   1   N N   . SER A 1 2  ? -0.754  -22.034 5.765   1.00 108.58 ? 1  SER A N   1 
ATOM   2   C CA  . SER A 1 2  ? -2.057  -22.686 5.634   1.00 108.55 ? 1  SER A CA  1 
ATOM   3   C C   . SER A 1 2  ? -2.783  -22.257 4.341   1.00 108.55 ? 1  SER A C   1 
ATOM   4   O O   . SER A 1 2  ? -2.150  -22.033 3.302   1.00 108.50 ? 1  SER A O   1 
ATOM   5   C CB  . SER A 1 2  ? -2.913  -22.410 6.884   1.00 108.39 ? 1  SER A CB  1 
ATOM   6   N N   . GLY A 1 3  ? -4.112  -22.190 4.409   1.00 108.63 ? 2  GLY A N   1 
ATOM   7   C CA  . GLY A 1 3  ? -4.947  -21.555 3.380   1.00 108.44 ? 2  GLY A CA  1 
ATOM   8   C C   . GLY A 1 3  ? -5.477  -20.237 3.927   1.00 108.21 ? 2  GLY A C   1 
ATOM   9   O O   . GLY A 1 3  ? -5.954  -19.385 3.179   1.00 108.22 ? 2  GLY A O   1 
ATOM   10  N N   . ILE A 1 4  ? -5.399  -20.091 5.252   1.00 107.86 ? 3  ILE A N   1 
ATOM   11  C CA  . ILE A 1 4  ? -5.600  -18.821 5.937   1.00 107.47 ? 3  ILE A CA  1 
ATOM   12  C C   . ILE A 1 4  ? -4.556  -17.820 5.435   1.00 107.17 ? 3  ILE A C   1 
ATOM   13  O O   . ILE A 1 4  ? -4.881  -16.665 5.127   1.00 107.26 ? 3  ILE A O   1 
ATOM   14  C CB  . ILE A 1 4  ? -5.449  -18.985 7.464   1.00 107.46 ? 3  ILE A CB  1 
ATOM   15  N N   . VAL A 1 5  ? -3.306  -18.288 5.354   1.00 106.57 ? 4  VAL A N   1 
ATOM   16  C CA  . VAL A 1 5  ? -2.178  -17.566 4.736   1.00 105.60 ? 4  VAL A CA  1 
ATOM   17  C C   . VAL A 1 5  ? -2.398  -17.199 3.253   1.00 105.06 ? 4  VAL A C   1 
ATOM   18  O O   . VAL A 1 5  ? -1.715  -16.324 2.726   1.00 105.06 ? 4  VAL A O   1 
ATOM   19  C CB  . VAL A 1 5  ? -0.832  -18.324 4.963   1.00 105.55 ? 4  VAL A CB  1 
ATOM   20  C CG1 . VAL A 1 5  ? 0.135   -18.165 3.789   1.00 104.95 ? 4  VAL A CG1 1 
ATOM   21  C CG2 . VAL A 1 5  ? -0.201  -17.882 6.280   1.00 105.31 ? 4  VAL A CG2 1 
ATOM   22  N N   . GLN A 1 6  ? -3.349  -17.862 2.595   1.00 104.38 ? 5  GLN A N   1 
ATOM   23  C CA  . GLN A 1 6  ? -3.812  -17.425 1.274   1.00 103.73 ? 5  GLN A CA  1 
ATOM   24  C C   . GLN A 1 6  ? -4.809  -16.250 1.352   1.00 103.10 ? 5  GLN A C   1 
ATOM   25  O O   . GLN A 1 6  ? -4.875  -15.427 0.433   1.00 103.31 ? 5  GLN A O   1 
ATOM   26  C CB  . GLN A 1 6  ? -4.392  -18.597 0.467   1.00 103.82 ? 5  GLN A CB  1 
ATOM   27  C CG  . GLN A 1 6  ? -5.095  -18.205 -0.856  1.00 104.30 ? 5  GLN A CG  1 
ATOM   28  C CD  . GLN A 1 6  ? -4.177  -17.498 -1.864  1.00 104.47 ? 5  GLN A CD  1 
ATOM   29  O OE1 . GLN A 1 6  ? -2.954  -17.693 -1.864  1.00 104.46 ? 5  GLN A OE1 1 
ATOM   30  N NE2 . GLN A 1 6  ? -4.774  -16.678 -2.734  1.00 103.87 ? 5  GLN A NE2 1 
ATOM   31  N N   . GLN A 1 7  ? -5.584  -16.172 2.435   1.00 102.06 ? 6  GLN A N   1 
ATOM   32  C CA  . GLN A 1 7  ? -6.453  -15.014 2.670   1.00 100.78 ? 6  GLN A CA  1 
ATOM   33  C C   . GLN A 1 7  ? -5.635  -13.802 3.151   1.00 100.06 ? 6  GLN A C   1 
ATOM   34  O O   . GLN A 1 7  ? -5.971  -12.673 2.805   1.00 100.13 ? 6  GLN A O   1 
ATOM   35  C CB  . GLN A 1 7  ? -7.551  -15.359 3.666   1.00 100.79 ? 6  GLN A CB  1 
ATOM   36  C CG  . GLN A 1 7  ? -8.480  -14.222 4.015   1.00 100.15 ? 6  GLN A CG  1 
ATOM   37  C CD  . GLN A 1 7  ? -8.708  -14.120 5.511   1.00 99.84  ? 6  GLN A CD  1 
ATOM   38  O OE1 . GLN A 1 7  ? -7.800  -14.371 6.307   1.00 100.03 ? 6  GLN A OE1 1 
ATOM   39  N NE2 . GLN A 1 7  ? -9.915  -13.739 5.902   1.00 98.92  ? 6  GLN A NE2 1 
ATOM   40  N N   . GLN A 1 8  ? -4.578  -14.033 3.939   1.00 98.64  ? 7  GLN A N   1 
ATOM   41  C CA  . GLN A 1 8  ? -3.582  -12.988 4.267   1.00 97.25  ? 7  GLN A CA  1 
ATOM   42  C C   . GLN A 1 8  ? -3.130  -12.232 3.024   1.00 96.53  ? 7  GLN A C   1 
ATOM   43  O O   . GLN A 1 8  ? -2.966  -11.022 3.063   1.00 96.73  ? 7  GLN A O   1 
ATOM   44  C CB  . GLN A 1 8  ? -2.323  -13.593 4.875   1.00 97.28  ? 7  GLN A CB  1 
ATOM   45  C CG  . GLN A 1 8  ? -2.532  -14.408 6.107   1.00 96.43  ? 7  GLN A CG  1 
ATOM   46  C CD  . GLN A 1 8  ? -2.399  -13.595 7.341   1.00 94.92  ? 7  GLN A CD  1 
ATOM   47  O OE1 . GLN A 1 8  ? -1.364  -12.979 7.594   1.00 94.37  ? 7  GLN A OE1 1 
ATOM   48  N NE2 . GLN A 1 8  ? -3.447  -13.587 8.131   1.00 94.95  ? 7  GLN A NE2 1 
ATOM   49  N N   . ASN A 1 9  ? -2.896  -12.962 1.936   1.00 95.39  ? 8  ASN A N   1 
ATOM   50  C CA  . ASN A 1 9  ? -2.547  -12.355 0.663   1.00 94.29  ? 8  ASN A CA  1 
ATOM   51  C C   . ASN A 1 9  ? -3.750  -11.667 0.077   1.00 93.33  ? 8  ASN A C   1 
ATOM   52  O O   . ASN A 1 9  ? -3.603  -10.771 -0.746  1.00 93.67  ? 8  ASN A O   1 
ATOM   53  C CB  . ASN A 1 9  ? -2.029  -13.386 -0.341  1.00 94.42  ? 8  ASN A CB  1 
ATOM   54  C CG  . ASN A 1 9  ? -1.223  -12.748 -1.481  1.00 95.22  ? 8  ASN A CG  1 
ATOM   55  O OD1 . ASN A 1 9  ? -0.245  -12.019 -1.235  1.00 96.47  ? 8  ASN A OD1 1 
ATOM   56  N ND2 . ASN A 1 9  ? -1.623  -13.030 -2.734  1.00 94.32  ? 8  ASN A ND2 1 
ATOM   57  N N   . ASN A 1 10 ? -4.944  -12.093 0.479   1.00 91.80  ? 9  ASN A N   1 
ATOM   58  C CA  . ASN A 1 10 ? -6.163  -11.405 0.058   1.00 90.20  ? 9  ASN A CA  1 
ATOM   59  C C   . ASN A 1 10 ? -6.387  -10.124 0.847   1.00 88.46  ? 9  ASN A C   1 
ATOM   60  O O   . ASN A 1 10 ? -6.882  -9.146  0.291   1.00 88.44  ? 9  ASN A O   1 
ATOM   61  C CB  . ASN A 1 10 ? -7.396  -12.317 0.112   1.00 90.59  ? 9  ASN A CB  1 
ATOM   62  C CG  . ASN A 1 10 ? -7.625  -13.064 -1.190  1.00 91.13  ? 9  ASN A CG  1 
ATOM   63  O OD1 . ASN A 1 10 ? -7.598  -12.479 -2.283  1.00 90.39  ? 9  ASN A OD1 1 
ATOM   64  N ND2 . ASN A 1 10 ? -7.860  -14.369 -1.078  1.00 92.88  ? 9  ASN A ND2 1 
ATOM   65  N N   . LEU A 1 11 ? -6.014  -10.131 2.129   1.00 86.04  ? 10 LEU A N   1 
ATOM   66  C CA  . LEU A 1 11 ? -6.050  -8.914  2.933   1.00 83.82  ? 10 LEU A CA  1 
ATOM   67  C C   . LEU A 1 11 ? -4.962  -7.962  2.450   1.00 82.49  ? 10 LEU A C   1 
ATOM   68  O O   . LEU A 1 11 ? -5.222  -6.775  2.235   1.00 82.66  ? 10 LEU A O   1 
ATOM   69  C CB  . LEU A 1 11 ? -5.923  -9.198  4.439   1.00 83.70  ? 10 LEU A CB  1 
ATOM   70  C CG  . LEU A 1 11 ? -7.045  -9.947  5.184   1.00 82.97  ? 10 LEU A CG  1 
ATOM   71  C CD1 . LEU A 1 11 ? -6.857  -9.879  6.708   1.00 81.93  ? 10 LEU A CD1 1 
ATOM   72  C CD2 . LEU A 1 11 ? -8.449  -9.472  4.795   1.00 82.25  ? 10 LEU A CD2 1 
ATOM   73  N N   . LEU A 1 12 ? -3.758  -8.488  2.250   1.00 80.45  ? 11 LEU A N   1 
ATOM   74  C CA  . LEU A 1 12 ? -2.669  -7.722  1.658   1.00 78.55  ? 11 LEU A CA  1 
ATOM   75  C C   . LEU A 1 12 ? -3.057  -7.130  0.314   1.00 77.12  ? 11 LEU A C   1 
ATOM   76  O O   . LEU A 1 12 ? -2.797  -5.977  0.066   1.00 77.20  ? 11 LEU A O   1 
ATOM   77  C CB  . LEU A 1 12 ? -1.445  -8.602  1.482   1.00 78.87  ? 11 LEU A CB  1 
ATOM   78  C CG  . LEU A 1 12 ? -0.238  -7.950  0.825   1.00 79.59  ? 11 LEU A CG  1 
ATOM   79  C CD1 . LEU A 1 12 ? 0.650   -7.296  1.898   1.00 79.93  ? 11 LEU A CD1 1 
ATOM   80  C CD2 . LEU A 1 12 ? 0.529   -8.980  -0.029  1.00 80.46  ? 11 LEU A CD2 1 
ATOM   81  N N   . ARG A 1 13 ? -3.682  -7.928  -0.546  1.00 75.55  ? 12 ARG A N   1 
ATOM   82  C CA  . ARG A 1 13 ? -4.131  -7.492  -1.875  1.00 73.74  ? 12 ARG A CA  1 
ATOM   83  C C   . ARG A 1 13 ? -5.171  -6.384  -1.824  1.00 72.23  ? 12 ARG A C   1 
ATOM   84  O O   . ARG A 1 13 ? -5.282  -5.614  -2.762  1.00 72.45  ? 12 ARG A O   1 
ATOM   85  C CB  . ARG A 1 13 ? -4.724  -8.676  -2.662  1.00 74.07  ? 12 ARG A CB  1 
ATOM   86  C CG  A ARG A 1 13 ? -3.833  -9.286  -3.738  0.50 74.12  ? 12 ARG A CG  1 
ATOM   87  C CG  B ARG A 1 13 ? -4.319  -8.702  -4.140  0.50 74.33  ? 12 ARG A CG  1 
ATOM   88  C CD  A ARG A 1 13 ? -4.076  -10.795 -3.894  0.50 74.18  ? 12 ARG A CD  1 
ATOM   89  C CD  B ARG A 1 13 ? -2.964  -9.397  -4.372  0.50 74.69  ? 12 ARG A CD  1 
ATOM   90  N NE  A ARG A 1 13 ? -5.382  -11.158 -4.445  0.50 73.86  ? 12 ARG A NE  1 
ATOM   91  N NE  B ARG A 1 13 ? -1.872  -8.820  -3.587  0.50 74.64  ? 12 ARG A NE  1 
ATOM   92  C CZ  A ARG A 1 13 ? -5.586  -11.505 -5.715  0.50 74.73  ? 12 ARG A CZ  1 
ATOM   93  C CZ  B ARG A 1 13 ? -0.596  -9.181  -3.700  0.50 75.14  ? 12 ARG A CZ  1 
ATOM   94  N NH1 A ARG A 1 13 ? -6.803  -11.838 -6.136  0.50 74.60  ? 12 ARG A NH1 1 
ATOM   95  N NH1 B ARG A 1 13 ? -0.247  -10.117 -4.576  0.50 75.43  ? 12 ARG A NH1 1 
ATOM   96  N NH2 A ARG A 1 13 ? -4.573  -11.521 -6.572  0.50 74.95  ? 12 ARG A NH2 1 
ATOM   97  N NH2 B ARG A 1 13 ? 0.331   -8.605  -2.942  0.50 74.65  ? 12 ARG A NH2 1 
ATOM   98  N N   . ALA A 1 14 ? -5.959  -6.333  -0.755  1.00 70.29  ? 13 ALA A N   1 
ATOM   99  C CA  . ALA A 1 14 ? -7.016  -5.349  -0.640  1.00 68.34  ? 13 ALA A CA  1 
ATOM   100 C C   . ALA A 1 14 ? -6.414  -4.057  -0.136  1.00 67.46  ? 13 ALA A C   1 
ATOM   101 O O   . ALA A 1 14 ? -6.707  -2.996  -0.660  1.00 68.01  ? 13 ALA A O   1 
ATOM   102 C CB  . ALA A 1 14 ? -8.095  -5.829  0.279   1.00 67.91  ? 13 ALA A CB  1 
ATOM   103 N N   . ILE A 1 15 ? -5.566  -4.146  0.878   1.00 65.75  ? 14 ILE A N   1 
ATOM   104 C CA  . ILE A 1 15 ? -4.864  -2.993  1.395   1.00 64.16  ? 14 ILE A CA  1 
ATOM   105 C C   . ILE A 1 15 ? -4.079  -2.324  0.286   1.00 63.17  ? 14 ILE A C   1 
ATOM   106 O O   . ILE A 1 15 ? -4.124  -1.121  0.123   1.00 63.16  ? 14 ILE A O   1 
ATOM   107 C CB  . ILE A 1 15 ? -3.947  -3.420  2.537   1.00 64.29  ? 14 ILE A CB  1 
ATOM   108 C CG1 . ILE A 1 15 ? -4.790  -3.685  3.785   1.00 64.97  ? 14 ILE A CG1 1 
ATOM   109 C CG2 . ILE A 1 15 ? -2.868  -2.378  2.814   1.00 64.00  ? 14 ILE A CG2 1 
ATOM   110 C CD1 . ILE A 1 15 ? -4.008  -4.226  4.953   1.00 65.86  ? 14 ILE A CD1 1 
ATOM   111 N N   . GLU A 1 16 ? -3.382  -3.137  -0.491  1.00 62.46  ? 15 GLU A N   1 
ATOM   112 C CA  . GLU A 1 16 ? -2.603  -2.713  -1.656  1.00 61.49  ? 15 GLU A CA  1 
ATOM   113 C C   . GLU A 1 16 ? -3.441  -1.979  -2.707  1.00 60.82  ? 15 GLU A C   1 
ATOM   114 O O   . GLU A 1 16 ? -2.972  -1.024  -3.286  1.00 61.37  ? 15 GLU A O   1 
ATOM   115 C CB  . GLU A 1 16 ? -1.901  -3.939  -2.260  1.00 61.30  ? 15 GLU A CB  1 
ATOM   116 C CG  . GLU A 1 16 ? -1.079  -3.721  -3.523  1.00 62.81  ? 15 GLU A CG  1 
ATOM   117 N N   . ALA A 1 17 ? -4.674  -2.410  -2.943  1.00 60.05  ? 16 ALA A N   1 
ATOM   118 C CA  . ALA A 1 17 ? -5.514  -1.801  -3.961  1.00 59.31  ? 16 ALA A CA  1 
ATOM   119 C C   . ALA A 1 17 ? -6.223  -0.540  -3.480  1.00 59.35  ? 16 ALA A C   1 
ATOM   120 O O   . ALA A 1 17 ? -6.415  0.382   -4.255  1.00 59.42  ? 16 ALA A O   1 
ATOM   121 C CB  . ALA A 1 17 ? -6.509  -2.798  -4.466  1.00 59.45  ? 16 ALA A CB  1 
ATOM   122 N N   . GLN A 1 18 ? -6.627  -0.513  -2.210  1.00 59.18  ? 17 GLN A N   1 
ATOM   123 C CA  . GLN A 1 18 ? -7.155  0.677   -1.558  1.00 58.88  ? 17 GLN A CA  1 
ATOM   124 C C   . GLN A 1 18 ? -6.144  1.787   -1.633  1.00 59.01  ? 17 GLN A C   1 
ATOM   125 O O   . GLN A 1 18 ? -6.483  2.944   -1.809  1.00 59.08  ? 17 GLN A O   1 
ATOM   126 C CB  . GLN A 1 18 ? -7.429  0.395   -0.090  1.00 58.74  ? 17 GLN A CB  1 
ATOM   127 C CG  . GLN A 1 18 ? -8.715  -0.358  0.155   1.00 59.24  ? 17 GLN A CG  1 
ATOM   128 C CD  . GLN A 1 18 ? -8.998  -0.598  1.635   1.00 59.46  ? 17 GLN A CD  1 
ATOM   129 O OE1 . GLN A 1 18 ? -8.165  -0.333  2.497   1.00 59.38  ? 17 GLN A OE1 1 
ATOM   130 N NE2 . GLN A 1 18 ? -10.193 -1.088  1.929   1.00 59.22  ? 17 GLN A NE2 1 
ATOM   131 N N   . GLN A 1 19 ? -4.885  1.416   -1.487  1.00 59.34  ? 18 GLN A N   1 
ATOM   132 C CA  . GLN A 1 19 ? -3.795  2.347   -1.579  1.00 59.67  ? 18 GLN A CA  1 
ATOM   133 C C   . GLN A 1 19 ? -3.788  3.058   -2.924  1.00 60.14  ? 18 GLN A C   1 
ATOM   134 O O   . GLN A 1 19 ? -3.664  4.270   -2.973  1.00 60.32  ? 18 GLN A O   1 
ATOM   135 C CB  . GLN A 1 19 ? -2.499  1.604   -1.341  1.00 59.61  ? 18 GLN A CB  1 
ATOM   136 C CG  . GLN A 1 19 ? -1.292  2.466   -1.246  1.00 60.96  ? 18 GLN A CG  1 
ATOM   137 C CD  . GLN A 1 19 ? -1.398  3.527   -0.169  1.00 62.59  ? 18 GLN A CD  1 
ATOM   138 O OE1 . GLN A 1 19 ? -2.246  3.464   0.742   1.00 62.04  ? 18 GLN A OE1 1 
ATOM   139 N NE2 . GLN A 1 19 ? -0.521  4.517   -0.265  1.00 62.57  ? 18 GLN A NE2 1 
ATOM   140 N N   . HIS A 1 20 ? -3.948  2.312   -4.013  1.00 60.81  ? 19 HIS A N   1 
ATOM   141 C CA  . HIS A 1 20 ? -4.038  2.913   -5.341  1.00 61.65  ? 19 HIS A CA  1 
ATOM   142 C C   . HIS A 1 20 ? -5.311  3.751   -5.532  1.00 61.42  ? 19 HIS A C   1 
ATOM   143 O O   . HIS A 1 20 ? -5.314  4.687   -6.314  1.00 61.35  ? 19 HIS A O   1 
ATOM   144 C CB  . HIS A 1 20 ? -3.921  1.875   -6.484  1.00 62.57  ? 19 HIS A CB  1 
ATOM   145 C CG  . HIS A 1 20 ? -2.709  0.985   -6.407  1.00 65.53  ? 19 HIS A CG  1 
ATOM   146 N ND1 . HIS A 1 20 ? -2.664  -0.258  -7.008  1.00 67.67  ? 19 HIS A ND1 1 
ATOM   147 C CD2 . HIS A 1 20 ? -1.516  1.138   -5.777  1.00 68.75  ? 19 HIS A CD2 1 
ATOM   148 C CE1 . HIS A 1 20 ? -1.494  -0.827  -6.762  1.00 69.02  ? 19 HIS A CE1 1 
ATOM   149 N NE2 . HIS A 1 20 ? -0.779  -0.002  -6.015  1.00 69.92  ? 19 HIS A NE2 1 
ATOM   150 N N   . LEU A 1 21 ? -6.395  3.427   -4.840  1.00 61.47  ? 20 LEU A N   1 
ATOM   151 C CA  . LEU A 1 21 ? -7.600  4.258   -4.918  1.00 61.24  ? 20 LEU A CA  1 
ATOM   152 C C   . LEU A 1 21 ? -7.387  5.556   -4.176  1.00 61.32  ? 20 LEU A C   1 
ATOM   153 O O   . LEU A 1 21 ? -7.921  6.576   -4.553  1.00 60.93  ? 20 LEU A O   1 
ATOM   154 C CB  . LEU A 1 21 ? -8.821  3.542   -4.348  1.00 61.18  ? 20 LEU A CB  1 
ATOM   155 C CG  . LEU A 1 21 ? -9.713  2.748   -5.295  1.00 60.92  ? 20 LEU A CG  1 
ATOM   156 C CD1 . LEU A 1 21 ? -10.968 2.433   -4.563  1.00 61.01  ? 20 LEU A CD1 1 
ATOM   157 C CD2 . LEU A 1 21 ? -10.043 3.511   -6.572  1.00 61.44  ? 20 LEU A CD2 1 
ATOM   158 N N   . LEU A 1 22 ? -6.605  5.505   -3.112  1.00 62.04  ? 21 LEU A N   1 
ATOM   159 C CA  . LEU A 1 22 ? -6.219  6.711   -2.427  1.00 63.10  ? 21 LEU A CA  1 
ATOM   160 C C   . LEU A 1 22 ? -5.452  7.609   -3.372  1.00 64.31  ? 21 LEU A C   1 
ATOM   161 O O   . LEU A 1 22 ? -5.927  8.677   -3.666  1.00 64.76  ? 21 LEU A O   1 
ATOM   162 C CB  . LEU A 1 22 ? -5.418  6.417   -1.165  1.00 62.93  ? 21 LEU A CB  1 
ATOM   163 C CG  . LEU A 1 22 ? -6.243  6.225   0.102   1.00 62.13  ? 21 LEU A CG  1 
ATOM   164 C CD1 . LEU A 1 22 ? -5.494  5.473   1.209   1.00 61.30  ? 21 LEU A CD1 1 
ATOM   165 C CD2 . LEU A 1 22 ? -6.656  7.582   0.567   1.00 62.17  ? 21 LEU A CD2 1 
ATOM   166 N N   . GLN A 1 23 ? -4.295  7.192   -3.876  1.00 65.60  ? 22 GLN A N   1 
ATOM   167 C CA  . GLN A 1 23 ? -3.585  8.031   -4.838  1.00 67.31  ? 22 GLN A CA  1 
ATOM   168 C C   . GLN A 1 23 ? -4.486  8.586   -5.964  1.00 68.24  ? 22 GLN A C   1 
ATOM   169 O O   . GLN A 1 23 ? -4.424  9.768   -6.260  1.00 68.66  ? 22 GLN A O   1 
ATOM   170 C CB  . GLN A 1 23 ? -2.356  7.320   -5.400  1.00 67.39  ? 22 GLN A CB  1 
ATOM   171 C CG  . GLN A 1 23 ? -1.079  7.506   -4.584  1.00 69.79  ? 22 GLN A CG  1 
ATOM   172 C CD  . GLN A 1 23 ? -0.287  6.192   -4.361  1.00 73.37  ? 22 GLN A CD  1 
ATOM   173 O OE1 . GLN A 1 23 ? -0.313  5.269   -5.191  1.00 75.62  ? 22 GLN A OE1 1 
ATOM   174 N NE2 . GLN A 1 23 ? 0.423   6.113   -3.235  1.00 73.74  ? 22 GLN A NE2 1 
ATOM   175 N N   . LEU A 1 24 ? -5.341  7.760   -6.565  1.00 69.75  ? 23 LEU A N   1 
ATOM   176 C CA  . LEU A 1 24 ? -6.228  8.204   -7.665  1.00 71.25  ? 23 LEU A CA  1 
ATOM   177 C C   . LEU A 1 24 ? -7.115  9.366   -7.245  1.00 72.96  ? 23 LEU A C   1 
ATOM   178 O O   . LEU A 1 24 ? -7.458  10.252  -8.036  1.00 73.28  ? 23 LEU A O   1 
ATOM   179 C CB  . LEU A 1 24 ? -7.100  7.049   -8.165  1.00 70.63  ? 23 LEU A CB  1 
ATOM   180 C CG  . LEU A 1 24 ? -6.341  6.019   -9.000  1.00 69.77  ? 23 LEU A CG  1 
ATOM   181 C CD1 . LEU A 1 24 ? -6.945  4.655   -8.892  1.00 69.88  ? 23 LEU A CD1 1 
ATOM   182 C CD2 . LEU A 1 24 ? -6.293  6.430   -10.431 1.00 70.02  ? 23 LEU A CD2 1 
ATOM   183 N N   . THR A 1 25 ? -7.458  9.333   -5.967  1.00 75.06  ? 24 THR A N   1 
ATOM   184 C CA  . THR A 1 25 ? -8.344  10.276  -5.304  1.00 76.69  ? 24 THR A CA  1 
ATOM   185 C C   . THR A 1 25 ? -7.590  11.515  -4.761  1.00 77.91  ? 24 THR A C   1 
ATOM   186 O O   . THR A 1 25 ? -8.080  12.623  -4.860  1.00 77.99  ? 24 THR A O   1 
ATOM   187 C CB  . THR A 1 25 ? -9.148  9.488   -4.226  1.00 76.43  ? 24 THR A CB  1 
ATOM   188 O OG1 . THR A 1 25 ? -10.350 8.978   -4.814  1.00 75.95  ? 24 THR A OG1 1 
ATOM   189 C CG2 . THR A 1 25 ? -9.478  10.311  -3.025  1.00 76.40  ? 24 THR A CG2 1 
ATOM   190 N N   . VAL A 1 26 ? -6.403  11.315  -4.201  1.00 79.81  ? 25 VAL A N   1 
ATOM   191 C CA  . VAL A 1 26 ? -5.486  12.408  -3.921  1.00 81.73  ? 25 VAL A CA  1 
ATOM   192 C C   . VAL A 1 26 ? -5.212  13.154  -5.222  1.00 83.65  ? 25 VAL A C   1 
ATOM   193 O O   . VAL A 1 26 ? -5.053  14.365  -5.196  1.00 84.27  ? 25 VAL A O   1 
ATOM   194 C CB  . VAL A 1 26 ? -4.167  11.902  -3.302  1.00 81.47  ? 25 VAL A CB  1 
ATOM   195 C CG1 . VAL A 1 26 ? -3.013  12.800  -3.655  1.00 81.55  ? 25 VAL A CG1 1 
ATOM   196 C CG2 . VAL A 1 26 ? -4.287  11.771  -1.797  1.00 81.24  ? 25 VAL A CG2 1 
ATOM   197 N N   . TRP A 1 27 ? -5.181  12.443  -6.355  1.00 85.84  ? 26 TRP A N   1 
ATOM   198 C CA  . TRP A 1 27 ? -5.039  13.082  -7.673  1.00 87.88  ? 26 TRP A CA  1 
ATOM   199 C C   . TRP A 1 27 ? -6.240  13.961  -8.024  1.00 89.55  ? 26 TRP A C   1 
ATOM   200 O O   . TRP A 1 27 ? -6.076  15.137  -8.326  1.00 89.97  ? 26 TRP A O   1 
ATOM   201 C CB  . TRP A 1 27 ? -4.802  12.058  -8.786  1.00 87.77  ? 26 TRP A CB  1 
ATOM   202 C CG  . TRP A 1 27 ? -4.776  12.660  -10.183 1.00 87.74  ? 26 TRP A CG  1 
ATOM   203 N N   . GLY A 1 28 ? -7.443  13.397  -7.988  1.00 91.47  ? 27 GLY A N   1 
ATOM   204 C CA  . GLY A 1 28 ? -8.667  14.184  -8.188  1.00 93.67  ? 27 GLY A CA  1 
ATOM   205 C C   . GLY A 1 28 ? -8.716  15.504  -7.422  1.00 95.24  ? 27 GLY A C   1 
ATOM   206 O O   . GLY A 1 28 ? -9.080  16.522  -7.989  1.00 95.38  ? 27 GLY A O   1 
ATOM   207 N N   . ILE A 1 29 ? -8.343  15.487  -6.139  1.00 96.98  ? 28 ILE A N   1 
ATOM   208 C CA  . ILE A 1 29 ? -8.312  16.697  -5.301  1.00 98.68  ? 28 ILE A CA  1 
ATOM   209 C C   . ILE A 1 29 ? -7.199  17.647  -5.723  1.00 99.90  ? 28 ILE A C   1 
ATOM   210 O O   . ILE A 1 29 ? -7.484  18.778  -6.095  1.00 100.50 ? 28 ILE A O   1 
ATOM   211 C CB  . ILE A 1 29 ? -8.129  16.410  -3.781  1.00 98.58  ? 28 ILE A CB  1 
ATOM   212 C CG1 . ILE A 1 29 ? -9.165  15.421  -3.260  1.00 98.88  ? 28 ILE A CG1 1 
ATOM   213 C CG2 . ILE A 1 29 ? -8.209  17.708  -2.975  1.00 98.76  ? 28 ILE A CG2 1 
ATOM   214 C CD1 . ILE A 1 29 ? -8.884  14.943  -1.858  1.00 99.38  ? 28 ILE A CD1 1 
ATOM   215 N N   . LYS A 1 30 ? -5.944  17.200  -5.651  1.00 101.27 ? 29 LYS A N   1 
ATOM   216 C CA  . LYS A 1 30 ? -4.807  18.046  -6.028  1.00 102.79 ? 29 LYS A CA  1 
ATOM   217 C C   . LYS A 1 30 ? -4.950  18.625  -7.448  1.00 103.97 ? 29 LYS A C   1 
ATOM   218 O O   . LYS A 1 30 ? -4.237  19.559  -7.809  1.00 104.42 ? 29 LYS A O   1 
ATOM   219 C CB  . LYS A 1 30 ? -3.470  17.313  -5.847  1.00 102.49 ? 29 LYS A CB  1 
ATOM   220 N N   . GLN A 1 31 ? -5.876  18.072  -8.235  1.00 105.24 ? 30 GLN A N   1 
ATOM   221 C CA  . GLN A 1 31 ? -6.254  18.628  -9.531  1.00 106.68 ? 30 GLN A CA  1 
ATOM   222 C C   . GLN A 1 31 ? -7.459  19.559  -9.398  1.00 107.65 ? 30 GLN A C   1 
ATOM   223 O O   . GLN A 1 31 ? -7.440  20.674  -9.913  1.00 107.80 ? 30 GLN A O   1 
ATOM   224 C CB  . GLN A 1 31 ? -6.566  17.509  -10.529 1.00 106.84 ? 30 GLN A CB  1 
ATOM   225 C CG  . GLN A 1 31 ? -7.343  17.966  -11.771 1.00 107.80 ? 30 GLN A CG  1 
ATOM   226 C CD  . GLN A 1 31 ? -8.059  16.834  -12.504 1.00 109.11 ? 30 GLN A CD  1 
ATOM   227 O OE1 . GLN A 1 31 ? -7.523  15.735  -12.667 1.00 109.96 ? 30 GLN A OE1 1 
ATOM   228 N NE2 . GLN A 1 31 ? -9.274  17.112  -12.966 1.00 109.80 ? 30 GLN A NE2 1 
ATOM   229 N N   . LEU A 1 32 ? -8.502  19.094  -8.707  1.00 109.03 ? 31 LEU A N   1 
ATOM   230 C CA  . LEU A 1 32 ? -9.735  19.871  -8.496  1.00 110.28 ? 31 LEU A CA  1 
ATOM   231 C C   . LEU A 1 32 ? -9.479  21.189  -7.764  1.00 111.28 ? 31 LEU A C   1 
ATOM   232 O O   . LEU A 1 32 ? -10.406 21.924  -7.408  1.00 111.58 ? 31 LEU A O   1 
ATOM   233 C CB  . LEU A 1 32 ? -10.779 19.046  -7.738  1.00 110.11 ? 31 LEU A CB  1 
ATOM   234 C CG  . LEU A 1 32 ? -12.231 19.506  -7.878  1.00 110.29 ? 31 LEU A CG  1 
ATOM   235 C CD1 . LEU A 1 32 ? -12.742 19.268  -9.299  1.00 109.84 ? 31 LEU A CD1 1 
ATOM   236 C CD2 . LEU A 1 32 ? -13.110 18.818  -6.845  1.00 110.87 ? 31 LEU A CD2 1 
ATOM   237 N N   . GLN A 1 33 ? -8.207  21.475  -7.535  1.00 112.45 ? 32 GLN A N   1 
ATOM   238 C CA  . GLN A 1 33 ? -7.791  22.783  -7.091  1.00 113.68 ? 32 GLN A CA  1 
ATOM   239 C C   . GLN A 1 33 ? -7.345  23.566  -8.338  1.00 114.52 ? 32 GLN A C   1 
ATOM   240 O O   . GLN A 1 33 ? -6.189  23.994  -8.445  1.00 114.85 ? 32 GLN A O   1 
ATOM   241 C CB  . GLN A 1 33 ? -6.687  22.656  -6.038  1.00 113.54 ? 32 GLN A CB  1 
ATOM   242 C CG  . GLN A 1 33 ? -7.118  21.829  -4.839  1.00 113.99 ? 32 GLN A CG  1 
ATOM   243 C CD  . GLN A 1 33 ? -6.040  21.668  -3.797  1.00 115.06 ? 32 GLN A CD  1 
ATOM   244 O OE1 . GLN A 1 33 ? -4.994  22.322  -3.856  1.00 115.98 ? 32 GLN A OE1 1 
ATOM   245 N NE2 . GLN A 1 33 ? -6.288  20.795  -2.824  1.00 114.95 ? 32 GLN A NE2 1 
ATOM   246 N N   . ALA A 1 34 ? -8.280  23.724  -9.283  1.00 115.34 ? 33 ALA A N   1 
ATOM   247 C CA  . ALA A 1 34 ? -8.047  24.467  -10.534 1.00 116.03 ? 33 ALA A CA  1 
ATOM   248 C C   . ALA A 1 34 ? -8.942  25.719  -10.676 1.00 116.40 ? 33 ALA A C   1 
ATOM   249 O O   . ALA A 1 34 ? -8.563  26.703  -11.336 1.00 116.76 ? 33 ALA A O   1 
ATOM   250 C CB  . ALA A 1 34 ? -8.206  23.538  -11.750 1.00 115.95 ? 33 ALA A CB  1 
ATOM   251 N N   . ARG A 1 35 ? -10.120 25.677  -10.054 1.00 116.52 ? 34 ARG A N   1 
ATOM   252 N N   . THR B 2 3  ? 5.058   24.483  1.897   1.00 104.78 ? 2  THR B N   1 
ATOM   253 C CA  . THR B 2 3  ? 4.136   25.297  1.090   1.00 104.76 ? 2  THR B CA  1 
ATOM   254 C C   . THR B 2 3  ? 2.847   24.547  0.678   1.00 104.29 ? 2  THR B C   1 
ATOM   255 O O   . THR B 2 3  ? 2.292   23.756  1.463   1.00 104.34 ? 2  THR B O   1 
ATOM   256 C CB  . THR B 2 3  ? 4.854   25.904  -0.166  1.00 105.02 ? 2  THR B CB  1 
ATOM   257 O OG1 . THR B 2 3  ? 5.285   24.859  -1.061  1.00 104.68 ? 2  THR B OG1 1 
ATOM   258 C CG2 . THR B 2 3  ? 6.055   26.777  0.267   1.00 105.80 ? 2  THR B CG2 1 
ATOM   259 N N   . TRP B 2 4  ? 2.369   24.833  -0.539  1.00 103.50 ? 3  TRP B N   1 
ATOM   260 C CA  . TRP B 2 4  ? 1.304   24.064  -1.175  1.00 102.47 ? 3  TRP B CA  1 
ATOM   261 C C   . TRP B 2 4  ? 1.932   22.771  -1.694  1.00 101.68 ? 3  TRP B C   1 
ATOM   262 O O   . TRP B 2 4  ? 1.844   21.724  -1.028  1.00 101.60 ? 3  TRP B O   1 
ATOM   263 C CB  . TRP B 2 4  ? 0.639   24.866  -2.313  1.00 102.51 ? 3  TRP B CB  1 
ATOM   264 N N   . GLU B 2 5  ? 2.607   22.875  -2.849  1.00 100.53 ? 4  GLU B N   1 
ATOM   265 C CA  . GLU B 2 5  ? 3.205   21.737  -3.579  1.00 99.12  ? 4  GLU B CA  1 
ATOM   266 C C   . GLU B 2 5  ? 4.162   20.878  -2.743  1.00 98.09  ? 4  GLU B C   1 
ATOM   267 O O   . GLU B 2 5  ? 4.205   19.654  -2.905  1.00 98.29  ? 4  GLU B O   1 
ATOM   268 C CB  . GLU B 2 5  ? 3.905   22.225  -4.849  1.00 99.12  ? 4  GLU B CB  1 
HETATM 269 N N   . XCP B 2 6  ? 4.925   21.527  -1.855  1.00 96.36  ? 5  XCP B N   1 
HETATM 270 C CB  . XCP B 2 6  ? 5.892   20.845  -0.978  1.00 94.52  ? 5  XCP B CB  1 
HETATM 271 C CG  . XCP B 2 6  ? 7.328   21.397  -1.122  1.00 94.20  ? 5  XCP B CG  1 
HETATM 272 C CD  . XCP B 2 6  ? 7.685   22.018  0.242   1.00 92.59  ? 5  XCP B CD  1 
HETATM 273 C CE  . XCP B 2 6  ? 6.880   21.170  1.234   1.00 92.35  ? 5  XCP B CE  1 
HETATM 274 C CA  . XCP B 2 6  ? 5.519   21.039  0.520   1.00 92.82  ? 5  XCP B CA  1 
HETATM 275 C C   . XCP B 2 6  ? 4.552   20.016  1.135   1.00 91.22  ? 5  XCP B C   1 
HETATM 276 O O   . XCP B 2 6  ? 4.820   18.825  1.160   1.00 91.20  ? 5  XCP B O   1 
ATOM   277 N N   . TRP B 2 7  ? 3.419   20.523  1.628   1.00 89.25  ? 6  TRP B N   1 
ATOM   278 C CA  . TRP B 2 7  ? 2.387   19.701  2.248   1.00 87.45  ? 6  TRP B CA  1 
ATOM   279 C C   . TRP B 2 7  ? 1.567   18.874  1.274   1.00 86.07  ? 6  TRP B C   1 
ATOM   280 O O   . TRP B 2 7  ? 0.550   18.298  1.663   1.00 86.25  ? 6  TRP B O   1 
ATOM   281 C CB  . TRP B 2 7  ? 1.460   20.562  3.111   1.00 87.57  ? 6  TRP B CB  1 
ATOM   282 N N   . ASP B 2 8  ? 1.995   18.827  0.018   1.00 83.99  ? 7  ASP B N   1 
ATOM   283 C CA  . ASP B 2 8  ? 1.381   17.936  -0.962  1.00 82.27  ? 7  ASP B CA  1 
ATOM   284 C C   . ASP B 2 8  ? 2.380   16.858  -1.359  1.00 80.33  ? 7  ASP B C   1 
ATOM   285 O O   . ASP B 2 8  ? 2.016   15.700  -1.598  1.00 80.47  ? 7  ASP B O   1 
ATOM   286 C CB  . ASP B 2 8  ? 0.853   18.700  -2.200  1.00 82.88  ? 7  ASP B CB  1 
ATOM   287 C CG  . ASP B 2 8  ? -0.664  19.079  -2.097  1.00 84.23  ? 7  ASP B CG  1 
ATOM   288 O OD1 . ASP B 2 8  ? -1.469  18.353  -1.458  1.00 85.89  ? 7  ASP B OD1 1 
ATOM   289 O OD2 . ASP B 2 8  ? -1.061  20.110  -2.686  1.00 85.34  ? 7  ASP B OD2 1 
HETATM 290 N N   . XPC B 2 9  ? 3.639   17.252  -1.426  1.00 77.57  ? 8  XPC B N   1 
HETATM 291 C CB  . XPC B 2 9  ? 4.718   16.345  -1.792  1.00 74.78  ? 8  XPC B CB  1 
HETATM 292 C CG  . XPC B 2 9  ? 5.480   16.774  -3.039  1.00 74.31  ? 8  XPC B CG  1 
HETATM 293 N ND  . XPC B 2 9  ? 6.790   16.007  -2.896  1.00 72.22  ? 8  XPC B ND  1 
HETATM 294 C CE  . XPC B 2 9  ? 7.051   15.964  -1.386  1.00 71.92  ? 8  XPC B CE  1 
HETATM 295 C CA  . XPC B 2 9  ? 5.773   16.415  -0.689  1.00 72.41  ? 8  XPC B CA  1 
HETATM 296 C C   . XPC B 2 9  ? 5.379   15.502  0.448   1.00 70.95  ? 8  XPC B C   1 
HETATM 297 O O   . XPC B 2 9  ? 5.412   14.306  0.262   1.00 70.95  ? 8  XPC B O   1 
ATOM   298 N N   . ALA B 2 10 ? 5.014   16.074  1.602   1.00 69.23  ? 9  ALA B N   1 
ATOM   299 C CA  . ALA B 2 10 ? 4.603   15.331  2.807   1.00 67.54  ? 9  ALA B CA  1 
ATOM   300 C C   . ALA B 2 10 ? 3.522   14.271  2.618   1.00 66.84  ? 9  ALA B C   1 
ATOM   301 O O   . ALA B 2 10 ? 3.640   13.176  3.136   1.00 66.93  ? 9  ALA B O   1 
ATOM   302 C CB  . ALA B 2 10 ? 4.190   16.297  3.900   1.00 67.16  ? 9  ALA B CB  1 
ATOM   303 N N   . ILE B 2 11 ? 2.462   14.606  1.897   1.00 66.23  ? 10 ILE B N   1 
ATOM   304 C CA  . ILE B 2 11 ? 1.319   13.708  1.702   1.00 65.00  ? 10 ILE B CA  1 
ATOM   305 C C   . ILE B 2 11 ? 1.674   12.558  0.753   1.00 64.46  ? 10 ILE B C   1 
ATOM   306 O O   . ILE B 2 11 ? 1.451   11.389  1.046   1.00 64.71  ? 10 ILE B O   1 
ATOM   307 C CB  . ILE B 2 11 ? 0.078   14.512  1.199   1.00 64.96  ? 10 ILE B CB  1 
ATOM   308 C CG1 . ILE B 2 11 ? -0.592  15.243  2.361   1.00 63.49  ? 10 ILE B CG1 1 
ATOM   309 C CG2 . ILE B 2 11 ? -0.916  13.629  0.432   1.00 64.70  ? 10 ILE B CG2 1 
ATOM   310 C CD1 . ILE B 2 11 ? -1.223  14.334  3.314   1.00 63.28  ? 10 ILE B CD1 1 
ATOM   311 N N   . ALA B 2 12 ? 2.253   12.895  -0.378  1.00 63.42  ? 11 ALA B N   1 
ATOM   312 C CA  . ALA B 2 12 ? 2.584   11.908  -1.365  1.00 62.90  ? 11 ALA B CA  1 
ATOM   313 C C   . ALA B 2 12 ? 3.821   11.055  -1.036  1.00 62.94  ? 11 ALA B C   1 
ATOM   314 O O   . ALA B 2 12 ? 3.932   9.906   -1.494  1.00 63.72  ? 11 ALA B O   1 
ATOM   315 C CB  . ALA B 2 12 ? 2.783   12.602  -2.673  1.00 62.91  ? 11 ALA B CB  1 
HETATM 316 N N   . B3E B 2 13 ? 4.747   11.610  -0.248  1.00 62.39  ? 12 B3E B N   1 
HETATM 317 C CA  . B3E B 2 13 ? 5.952   10.913  0.132   1.00 61.24  ? 12 B3E B CA  1 
HETATM 318 C CG  . B3E B 2 13 ? 7.073   11.645  -0.585  1.00 62.67  ? 12 B3E B CG  1 
HETATM 319 C CD  . B3E B 2 13 ? 7.272   11.111  -2.008  1.00 68.76  ? 12 B3E B CD  1 
HETATM 320 C CE  . B3E B 2 13 ? 8.749   10.782  -2.310  1.00 73.31  ? 12 B3E B CE  1 
HETATM 321 O OF2 . B3E B 2 13 ? 9.177   9.595   -2.256  1.00 74.93  ? 12 B3E B OF2 1 
HETATM 322 O OF1 . B3E B 2 13 ? 9.530   11.722  -2.595  1.00 76.51  ? 12 B3E B OF1 1 
HETATM 323 C CB  . B3E B 2 13 ? 6.173   10.986  1.625   1.00 60.11  ? 12 B3E B CB  1 
HETATM 324 C C   . B3E B 2 13 ? 5.434   9.894   2.382   1.00 59.32  ? 12 B3E B C   1 
HETATM 325 O O   . B3E B 2 13 ? 5.951   8.805   2.560   1.00 59.25  ? 12 B3E B O   1 
ATOM   326 N N   . TYR B 2 14 ? 4.215   10.204  2.825   1.00 58.60  ? 13 TYR B N   1 
ATOM   327 C CA  . TYR B 2 14 ? 3.357   9.284   3.572   1.00 58.01  ? 13 TYR B CA  1 
ATOM   328 C C   . TYR B 2 14 ? 2.681   8.175   2.743   1.00 57.75  ? 13 TYR B C   1 
ATOM   329 O O   . TYR B 2 14 ? 2.654   7.025   3.160   1.00 58.14  ? 13 TYR B O   1 
ATOM   330 C CB  . TYR B 2 14 ? 2.314   10.105  4.336   1.00 58.02  ? 13 TYR B CB  1 
ATOM   331 C CG  . TYR B 2 14 ? 1.668   9.436   5.548   1.00 59.23  ? 13 TYR B CG  1 
ATOM   332 C CD1 . TYR B 2 14 ? 2.265   8.343   6.208   1.00 59.10  ? 13 TYR B CD1 1 
ATOM   333 C CD2 . TYR B 2 14 ? 0.469   9.931   6.065   1.00 60.22  ? 13 TYR B CD2 1 
ATOM   334 C CE1 . TYR B 2 14 ? 1.667   7.757   7.326   1.00 58.39  ? 13 TYR B CE1 1 
ATOM   335 C CE2 . TYR B 2 14 ? -0.134  9.352   7.195   1.00 59.70  ? 13 TYR B CE2 1 
ATOM   336 C CZ  . TYR B 2 14 ? 0.468   8.276   7.810   1.00 59.48  ? 13 TYR B CZ  1 
ATOM   337 O OH  . TYR B 2 14 ? -0.146  7.741   8.919   1.00 61.61  ? 13 TYR B OH  1 
ATOM   338 N N   . ALA B 2 15 ? 2.123   8.504   1.582   1.00 57.01  ? 14 ALA B N   1 
ATOM   339 C CA  . ALA B 2 15 ? 1.498   7.499   0.741   1.00 55.92  ? 14 ALA B CA  1 
ATOM   340 C C   . ALA B 2 15 ? 2.532   6.509   0.251   1.00 55.58  ? 14 ALA B C   1 
ATOM   341 O O   . ALA B 2 15 ? 2.269   5.308   0.178   1.00 55.57  ? 14 ALA B O   1 
ATOM   342 C CB  . ALA B 2 15 ? 0.825   8.156   -0.425  1.00 55.88  ? 14 ALA B CB  1 
HETATM 343 N N   . XCP B 2 16 ? 3.712   7.038   -0.084  1.00 55.41  ? 15 XCP B N   1 
HETATM 344 C CB  . XCP B 2 16 ? 4.864   6.263   -0.585  1.00 54.97  ? 15 XCP B CB  1 
HETATM 345 C CG  . XCP B 2 16 ? 5.366   6.932   -1.868  1.00 54.72  ? 15 XCP B CG  1 
HETATM 346 C CD  . XCP B 2 16 ? 6.652   6.144   -2.162  1.00 54.27  ? 15 XCP B CD  1 
HETATM 347 C CE  . XCP B 2 16 ? 7.255   5.852   -0.781  1.00 54.22  ? 15 XCP B CE  1 
HETATM 348 C CA  . XCP B 2 16 ? 6.184   6.296   0.226   1.00 54.73  ? 15 XCP B CA  1 
HETATM 349 C C   . XCP B 2 16 ? 6.204   5.405   1.448   1.00 55.17  ? 15 XCP B C   1 
HETATM 350 O O   . XCP B 2 16 ? 6.539   4.245   1.364   1.00 55.59  ? 15 XCP B O   1 
ATOM   351 N N   . ARG B 2 17 ? 5.843   5.958   2.584   1.00 55.57  ? 16 ARG B N   1 
ATOM   352 C CA  . ARG B 2 17 ? 5.822   5.208   3.819   1.00 56.19  ? 16 ARG B CA  1 
ATOM   353 C C   . ARG B 2 17 ? 4.898   3.990   3.739   1.00 56.79  ? 16 ARG B C   1 
ATOM   354 O O   . ARG B 2 17 ? 5.313   2.869   4.030   1.00 57.50  ? 16 ARG B O   1 
ATOM   355 C CB  . ARG B 2 17 ? 5.448   6.137   4.968   1.00 56.14  ? 16 ARG B CB  1 
ATOM   356 C CG  . ARG B 2 17 ? 5.130   5.476   6.278   1.00 57.50  ? 16 ARG B CG  1 
ATOM   357 C CD  . ARG B 2 17 ? 6.011   4.297   6.521   1.00 60.14  ? 16 ARG B CD  1 
ATOM   358 N NE  . ARG B 2 17 ? 6.062   3.911   7.920   1.00 61.97  ? 16 ARG B NE  1 
ATOM   359 C CZ  . ARG B 2 17 ? 6.624   2.786   8.333   1.00 63.65  ? 16 ARG B CZ  1 
ATOM   360 N NH1 . ARG B 2 17 ? 6.649   2.501   9.619   1.00 65.94  ? 16 ARG B NH1 1 
ATOM   361 N NH2 . ARG B 2 17 ? 7.155   1.941   7.456   1.00 65.14  ? 16 ARG B NH2 1 
ATOM   362 N N   . ILE B 2 18 ? 3.653   4.207   3.332   1.00 57.27  ? 17 ILE B N   1 
ATOM   363 C CA  . ILE B 2 18 ? 2.667   3.151   3.324   1.00 57.24  ? 17 ILE B CA  1 
ATOM   364 C C   . ILE B 2 18 ? 2.927   2.161   2.204   1.00 58.29  ? 17 ILE B C   1 
ATOM   365 O O   . ILE B 2 18 ? 2.724   0.985   2.381   1.00 59.01  ? 17 ILE B O   1 
ATOM   366 C CB  . ILE B 2 18 ? 1.254   3.702   3.223   1.00 56.79  ? 17 ILE B CB  1 
ATOM   367 C CG1 . ILE B 2 18 ? 0.978   4.648   4.387   1.00 55.55  ? 17 ILE B CG1 1 
ATOM   368 C CG2 . ILE B 2 18 ? 0.262   2.560   3.259   1.00 56.99  ? 17 ILE B CG2 1 
ATOM   369 C CD1 . ILE B 2 18 ? -0.268  5.454   4.248   1.00 53.97  ? 17 ILE B CD1 1 
ATOM   370 N N   . GLU B 2 19 ? 3.375   2.612   1.048   1.00 59.33  ? 18 GLU B N   1 
ATOM   371 C CA  . GLU B 2 19 ? 3.651   1.678   -0.019  1.00 60.55  ? 18 GLU B CA  1 
ATOM   372 C C   . GLU B 2 19 ? 4.813   0.803   0.304   1.00 60.80  ? 18 GLU B C   1 
ATOM   373 O O   . GLU B 2 19 ? 4.857   -0.332  -0.140  1.00 60.77  ? 18 GLU B O   1 
ATOM   374 C CB  . GLU B 2 19 ? 4.008   2.409   -1.269  1.00 60.81  ? 18 GLU B CB  1 
ATOM   375 C CG  . GLU B 2 19 ? 2.905   2.522   -2.211  1.00 65.50  ? 18 GLU B CG  1 
ATOM   376 C CD  . GLU B 2 19 ? 3.286   3.419   -3.372  1.00 72.65  ? 18 GLU B CD  1 
ATOM   377 O OE1 . GLU B 2 19 ? 4.471   3.357   -3.817  1.00 74.11  ? 18 GLU B OE1 1 
ATOM   378 O OE2 . GLU B 2 19 ? 2.399   4.189   -3.833  1.00 76.26  ? 18 GLU B OE2 1 
HETATM 379 N N   . XCP B 2 20 ? 5.756   1.337   1.081   1.00 61.55  ? 19 XCP B N   1 
HETATM 380 C CB  . XCP B 2 20 ? 6.957   0.592   1.481   1.00 62.05  ? 19 XCP B CB  1 
HETATM 381 C CG  . XCP B 2 20 ? 8.156   1.067   0.651   1.00 62.30  ? 19 XCP B CG  1 
HETATM 382 C CD  . XCP B 2 20 ? 9.276   1.365   1.667   1.00 63.12  ? 19 XCP B CD  1 
HETATM 383 C CE  . XCP B 2 20 ? 8.927   0.488   2.871   1.00 62.57  ? 19 XCP B CE  1 
HETATM 384 C CA  . XCP B 2 20 ? 7.422   0.718   2.956   1.00 62.65  ? 19 XCP B CA  1 
HETATM 385 C C   . XCP B 2 20 ? 6.785   -0.347  3.805   1.00 63.35  ? 19 XCP B C   1 
HETATM 386 O O   . XCP B 2 20 ? 7.363   -1.389  4.056   1.00 64.00  ? 19 XCP B O   1 
ATOM   387 N N   . LEU B 2 21 ? 5.584   -0.085  4.252   1.00 63.63  ? 20 LEU B N   1 
ATOM   388 C CA  . LEU B 2 21 ? 4.911   -1.044  5.064   1.00 63.71  ? 20 LEU B CA  1 
ATOM   389 C C   . LEU B 2 21 ? 4.402   -2.139  4.138   1.00 64.02  ? 20 LEU B C   1 
ATOM   390 O O   . LEU B 2 21 ? 4.525   -3.312  4.445   1.00 64.33  ? 20 LEU B O   1 
ATOM   391 C CB  . LEU B 2 21 ? 3.759   -0.381  5.802   1.00 63.71  ? 20 LEU B CB  1 
ATOM   392 C CG  . LEU B 2 21 ? 4.100   0.597   6.915   1.00 63.59  ? 20 LEU B CG  1 
ATOM   393 C CD1 . LEU B 2 21 ? 2.915   1.509   7.172   1.00 63.52  ? 20 LEU B CD1 1 
ATOM   394 C CD2 . LEU B 2 21 ? 4.486   -0.152  8.170   1.00 63.45  ? 20 LEU B CD2 1 
ATOM   395 N N   . ILE B 2 22 ? 3.850   -1.755  2.993   1.00 64.57  ? 21 ILE B N   1 
ATOM   396 C CA  . ILE B 2 22 ? 3.132   -2.708  2.123   1.00 65.11  ? 21 ILE B CA  1 
ATOM   397 C C   . ILE B 2 22 ? 4.095   -3.677  1.434   1.00 65.93  ? 21 ILE B C   1 
ATOM   398 O O   . ILE B 2 22 ? 3.845   -4.881  1.385   1.00 66.16  ? 21 ILE B O   1 
ATOM   399 C CB  . ILE B 2 22 ? 2.114   -2.003  1.165   1.00 64.81  ? 21 ILE B CB  1 
ATOM   400 C CG1 . ILE B 2 22 ? 0.840   -1.627  1.945   1.00 63.47  ? 21 ILE B CG1 1 
ATOM   401 C CG2 . ILE B 2 22 ? 1.770   -2.881  -0.025  1.00 64.55  ? 21 ILE B CG2 1 
ATOM   402 C CD1 . ILE B 2 22 ? -0.069  -0.693  1.241   1.00 61.40  ? 21 ILE B CD1 1 
HETATM 403 N N   . XPC B 2 23 ? 5.184   -3.156  0.909   1.00 66.81  ? 22 XPC B N   1 
HETATM 404 C CB  . XPC B 2 23 ? 6.157   -3.999  0.234   1.00 67.63  ? 22 XPC B CB  1 
HETATM 405 C CG  . XPC B 2 23 ? 6.542   -3.557  -1.179  1.00 67.61  ? 22 XPC B CG  1 
HETATM 406 N ND  . XPC B 2 23 ? 8.076   -3.438  -1.175  1.00 68.21  ? 22 XPC B ND  1 
HETATM 407 C CE  . XPC B 2 23 ? 8.563   -4.165  0.090   1.00 68.77  ? 22 XPC B CE  1 
HETATM 408 C CA  . XPC B 2 23 ? 7.437   -3.959  1.096   1.00 68.69  ? 22 XPC B CA  1 
HETATM 409 C C   . XPC B 2 23 ? 7.409   -5.003  2.197   1.00 69.94  ? 22 XPC B C   1 
HETATM 410 O O   . XPC B 2 23 ? 7.114   -6.147  1.951   1.00 70.58  ? 22 XPC B O   1 
ATOM   411 N N   . ALA B 2 24 ? 7.722   -4.586  3.410   1.00 71.26  ? 23 ALA B N   1 
ATOM   412 C CA  . ALA B 2 24 ? 7.748   -5.456  4.595   1.00 72.25  ? 23 ALA B CA  1 
ATOM   413 C C   . ALA B 2 24 ? 6.649   -6.491  4.754   1.00 72.90  ? 23 ALA B C   1 
ATOM   414 O O   . ALA B 2 24 ? 6.904   -7.582  5.215   1.00 73.14  ? 23 ALA B O   1 
ATOM   415 C CB  . ALA B 2 24 ? 7.868   -4.619  5.848   1.00 72.40  ? 23 ALA B CB  1 
ATOM   416 N N   . ALA B 2 25 ? 5.432   -6.141  4.392   1.00 74.48  ? 24 ALA B N   1 
ATOM   417 C CA  . ALA B 2 25 ? 4.323   -7.060  4.534   1.00 76.15  ? 24 ALA B CA  1 
ATOM   418 C C   . ALA B 2 25 ? 4.280   -8.080  3.403   1.00 77.67  ? 24 ALA B C   1 
ATOM   419 O O   . ALA B 2 25 ? 3.999   -9.243  3.652   1.00 78.32  ? 24 ALA B O   1 
ATOM   420 C CB  . ALA B 2 25 ? 3.017   -6.308  4.624   1.00 75.90  ? 24 ALA B CB  1 
ATOM   421 N N   . GLN B 2 26 ? 4.552   -7.661  2.165   1.00 79.42  ? 25 GLN B N   1 
ATOM   422 C CA  . GLN B 2 26 ? 4.498   -8.582  1.022   1.00 80.88  ? 25 GLN B CA  1 
ATOM   423 C C   . GLN B 2 26 ? 5.692   -9.529  0.997   1.00 82.17  ? 25 GLN B C   1 
ATOM   424 O O   . GLN B 2 26 ? 5.571   -10.660 0.548   1.00 83.03  ? 25 GLN B O   1 
ATOM   425 C CB  . GLN B 2 26 ? 4.396   -7.833  -0.314  1.00 80.66  ? 25 GLN B CB  1 
ATOM   426 C CG  . GLN B 2 26 ? 4.049   -8.735  -1.503  1.00 80.42  ? 25 GLN B CG  1 
HETATM 427 N N   . B3E B 2 27 ? 6.836   -9.062  1.478   1.00 83.62  ? 26 B3E B N   1 
HETATM 428 C CA  . B3E B 2 27 ? 8.056   -9.843  1.522   1.00 84.51  ? 26 B3E B CA  1 
HETATM 429 C CG  . B3E B 2 27 ? 9.075   -9.185  0.594   1.00 85.29  ? 26 B3E B CG  1 
HETATM 430 C CD  . B3E B 2 27 ? 8.670   -9.163  -0.892  1.00 88.45  ? 26 B3E B CD  1 
HETATM 431 C CE  . B3E B 2 27 ? 9.310   -8.066  -1.786  1.00 89.43  ? 26 B3E B CE  1 
HETATM 432 O OF2 . B3E B 2 27 ? 8.648   -7.630  -2.768  1.00 90.14  ? 26 B3E B OF2 1 
HETATM 433 O OF1 . B3E B 2 27 ? 10.469  -7.627  -1.552  1.00 89.15  ? 26 B3E B OF1 1 
HETATM 434 C CB  . B3E B 2 27 ? 8.617   -9.749  2.929   1.00 85.67  ? 26 B3E B CB  1 
HETATM 435 C C   . B3E B 2 27 ? 8.161   -10.897 3.789   1.00 86.74  ? 26 B3E B C   1 
HETATM 436 O O   . B3E B 2 27 ? 8.641   -12.002 3.635   1.00 86.97  ? 26 B3E B O   1 
ATOM   437 N N   . GLN B 2 28 ? 7.227   -10.625 4.698   1.00 87.75  ? 27 GLN B N   1 
ATOM   438 C CA  . GLN B 2 28 ? 6.675   -11.633 5.615   1.00 88.90  ? 27 GLN B CA  1 
ATOM   439 C C   . GLN B 2 28 ? 5.549   -12.478 5.023   1.00 89.49  ? 27 GLN B C   1 
ATOM   440 O O   . GLN B 2 28 ? 4.824   -13.140 5.760   1.00 89.55  ? 27 GLN B O   1 
ATOM   441 C CB  . GLN B 2 28 ? 6.161   -10.953 6.893   1.00 89.09  ? 27 GLN B CB  1 
ATOM   442 C CG  . GLN B 2 28 ? 7.096   -11.003 8.097   1.00 89.62  ? 27 GLN B CG  1 
ATOM   443 C CD  . GLN B 2 28 ? 7.004   -12.313 8.852   1.00 90.27  ? 27 GLN B CD  1 
ATOM   444 O OE1 . GLN B 2 28 ? 6.160   -13.166 8.549   1.00 90.02  ? 27 GLN B OE1 1 
ATOM   445 N NE2 . GLN B 2 28 ? 7.864   -12.477 9.861   1.00 90.75  ? 27 GLN B NE2 1 
ATOM   446 N N   . GLN B 2 29 ? 5.392   -12.429 3.702   1.00 90.43  ? 28 GLN B N   1 
ATOM   447 C CA  . GLN B 2 29 ? 4.398   -13.240 2.987   1.00 91.34  ? 28 GLN B CA  1 
ATOM   448 C C   . GLN B 2 29 ? 5.150   -14.201 2.078   1.00 92.09  ? 28 GLN B C   1 
ATOM   449 O O   . GLN B 2 29 ? 5.248   -15.384 2.382   1.00 92.54  ? 28 GLN B O   1 
ATOM   450 C CB  . GLN B 2 29 ? 3.433   -12.363 2.175   1.00 91.18  ? 28 GLN B CB  1 
ATOM   451 C CG  . GLN B 2 29 ? 2.269   -13.110 1.544   1.00 90.56  ? 28 GLN B CG  1 
ATOM   452 C CD  . GLN B 2 29 ? 1.127   -13.397 2.519   1.00 90.79  ? 28 GLN B CD  1 
ATOM   453 O OE1 . GLN B 2 29 ? 1.279   -13.349 3.748   1.00 91.29  ? 28 GLN B OE1 1 
ATOM   454 N NE2 . GLN B 2 29 ? -0.027  -13.697 1.966   1.00 90.53  ? 28 GLN B NE2 1 
HETATM 455 N N   . B3E B 2 30 ? 5.678   -13.692 0.965   1.00 92.70  ? 29 B3E B N   1 
HETATM 456 C CA  . B3E B 2 30 ? 6.413   -14.502 0.021   1.00 93.30  ? 29 B3E B CA  1 
HETATM 457 C CG  . B3E B 2 30 ? 6.368   -13.785 -1.323  1.00 92.86  ? 29 B3E B CG  1 
HETATM 458 C CB  . B3E B 2 30 ? 7.863   -14.527 0.517   1.00 94.13  ? 29 B3E B CB  1 
HETATM 459 C C   . B3E B 2 30 ? 8.306   -15.517 1.603   1.00 94.95  ? 29 B3E B C   1 
HETATM 460 O O   . B3E B 2 30 ? 8.783   -16.586 1.274   1.00 95.19  ? 29 B3E B O   1 
ATOM   461 N N   . LYS B 2 31 ? 8.149   -15.161 2.886   1.00 95.64  ? 30 LYS B N   1 
ATOM   462 C CA  . LYS B 2 31 ? 8.541   -16.036 4.009   1.00 96.48  ? 30 LYS B CA  1 
ATOM   463 C C   . LYS B 2 31 ? 7.479   -16.990 4.566   1.00 97.25  ? 30 LYS B C   1 
ATOM   464 O O   . LYS B 2 31 ? 7.803   -17.929 5.291   1.00 97.25  ? 30 LYS B O   1 
ATOM   465 C CB  . LYS B 2 31 ? 9.134   -15.199 5.153   1.00 96.27  ? 30 LYS B CB  1 
ATOM   466 N N   . ASN B 2 32 ? 6.217   -16.727 4.259   1.00 98.42  ? 31 ASN B N   1 
ATOM   467 C CA  . ASN B 2 32 ? 5.115   -17.569 4.711   1.00 99.54  ? 31 ASN B CA  1 
ATOM   468 C C   . ASN B 2 32 ? 4.625   -18.457 3.585   1.00 100.18 ? 31 ASN B C   1 
ATOM   469 O O   . ASN B 2 32 ? 3.834   -19.357 3.809   1.00 100.15 ? 31 ASN B O   1 
ATOM   470 C CB  . ASN B 2 32 ? 3.955   -16.717 5.231   1.00 99.74  ? 31 ASN B CB  1 
ATOM   471 C CG  . ASN B 2 32 ? 4.279   -16.001 6.536   1.00 100.53 ? 31 ASN B CG  1 
ATOM   472 O OD1 . ASN B 2 32 ? 5.434   -15.950 6.966   1.00 101.03 ? 31 ASN B OD1 1 
ATOM   473 N ND2 . ASN B 2 32 ? 3.253   -15.432 7.168   1.00 101.48 ? 31 ASN B ND2 1 
ATOM   474 N N   . GLU B 2 33 ? 5.077   -18.161 2.368   1.00 101.36 ? 32 GLU B N   1 
ATOM   475 C CA  . GLU B 2 33 ? 4.896   -19.040 1.204   1.00 102.42 ? 32 GLU B CA  1 
ATOM   476 C C   . GLU B 2 33 ? 6.039   -20.068 1.173   1.00 103.03 ? 32 GLU B C   1 
ATOM   477 O O   . GLU B 2 33 ? 6.000   -21.036 0.400   1.00 103.01 ? 32 GLU B O   1 
ATOM   478 C CB  . GLU B 2 33 ? 4.876   -18.233 -0.112  1.00 102.43 ? 32 GLU B CB  1 
ATOM   479 C CG  . GLU B 2 33 ? 3.632   -17.347 -0.351  1.00 102.85 ? 32 GLU B CG  1 
ATOM   480 C CD  . GLU B 2 33 ? 3.509   -16.805 -1.795  1.00 103.43 ? 32 GLU B CD  1 
ATOM   481 O OE1 . GLU B 2 33 ? 4.519   -16.759 -2.549  1.00 103.19 ? 32 GLU B OE1 1 
ATOM   482 O OE2 . GLU B 2 33 ? 2.380   -16.416 -2.171  1.00 103.32 ? 32 GLU B OE2 1 
HETATM 483 N N   . XCP B 2 34 ? 7.052   -19.828 2.034   1.00 103.75 ? 33 XCP B N   1 
HETATM 484 C CB  . XCP B 2 34 ? 8.258   -20.672 2.185   1.00 104.21 ? 33 XCP B CB  1 
HETATM 485 C CG  . XCP B 2 34 ? 9.380   -20.352 1.169   1.00 104.37 ? 33 XCP B CG  1 
HETATM 486 C CD  . XCP B 2 34 ? 10.550  -19.734 1.965   1.00 104.58 ? 33 XCP B CD  1 
HETATM 487 C CE  . XCP B 2 34 ? 10.421  -20.301 3.390   1.00 104.53 ? 33 XCP B CE  1 
HETATM 488 C CA  . XCP B 2 34 ? 8.908   -20.519 3.598   1.00 104.62 ? 33 XCP B CA  1 
HETATM 489 C C   . XCP B 2 34 ? 8.533   -21.690 4.501   1.00 105.04 ? 33 XCP B C   1 
HETATM 490 O O   . XCP B 2 34 ? 9.104   -22.765 4.447   1.00 105.11 ? 33 XCP B O   1 
ATOM   491 N N   . ALA B 2 35 ? 7.547   -21.448 5.337   1.00 105.60 ? 34 ALA B N   1 
ATOM   492 C CA  . ALA B 2 35 ? 7.069   -22.452 6.263   1.00 106.20 ? 34 ALA B CA  1 
ATOM   493 C C   . ALA B 2 35 ? 5.768   -23.086 5.735   1.00 106.71 ? 34 ALA B C   1 
ATOM   494 O O   . ALA B 2 35 ? 5.039   -23.734 6.484   1.00 106.85 ? 34 ALA B O   1 
ATOM   495 C CB  . ALA B 2 35 ? 6.869   -21.830 7.633   1.00 105.95 ? 34 ALA B CB  1 
ATOM   496 N N   . LEU B 2 36 ? 5.481   -22.885 4.448   1.00 107.42 ? 35 LEU B N   1 
ATOM   497 C CA  . LEU B 2 36 ? 4.321   -23.504 3.781   1.00 108.17 ? 35 LEU B CA  1 
ATOM   498 C C   . LEU B 2 36 ? 4.836   -24.335 2.624   1.00 108.72 ? 35 LEU B C   1 
ATOM   499 O O   . LEU B 2 36 ? 4.208   -25.306 2.222   1.00 109.11 ? 35 LEU B O   1 
ATOM   500 C CB  . LEU B 2 36 ? 3.304   -22.446 3.287   1.00 108.20 ? 35 LEU B CB  1 
ATOM   501 C CG  . LEU B 2 36 ? 1.943   -22.676 2.569   1.00 107.75 ? 35 LEU B CG  1 
ATOM   502 C CD1 . LEU B 2 36 ? 2.090   -22.893 1.055   1.00 107.47 ? 35 LEU B CD1 1 
ATOM   503 C CD2 . LEU B 2 36 ? 1.062   -23.765 3.198   1.00 107.29 ? 35 LEU B CD2 1 
HETATM 504 N N   . XPC B 2 37 ? 5.981   -23.943 2.094   1.00 109.35 ? 36 XPC B N   1 
HETATM 505 C CB  . XPC B 2 37 ? 6.588   -24.652 0.977   1.00 109.82 ? 36 XPC B CB  1 
HETATM 506 C CG  . XPC B 2 37 ? 6.910   -23.741 -0.221  1.00 110.28 ? 36 XPC B CG  1 
HETATM 507 N ND  . XPC B 2 37 ? 8.269   -24.237 -0.771  1.00 110.99 ? 36 XPC B ND  1 
HETATM 508 C CE  . XPC B 2 37 ? 8.585   -25.519 0.033   1.00 110.78 ? 36 XPC B CE  1 
HETATM 509 C CA  . XPC B 2 37 ? 7.984   -25.147 1.397   1.00 110.48 ? 36 XPC B CA  1 
HETATM 510 C C   . XPC B 2 37 ? 7.988   -26.188 2.523   1.00 110.74 ? 36 XPC B C   1 
HETATM 511 O O   . XPC B 2 37 ? 7.919   -27.391 2.299   1.00 110.78 ? 36 XPC B O   1 
ATOM   512 N N   . GLU B 2 38 ? 8.075   -25.653 3.749   1.00 111.01 ? 37 GLU B N   1 
ATOM   513 C CA  . GLU B 2 38 ? 8.103   -26.379 5.035   1.00 111.28 ? 37 GLU B CA  1 
ATOM   514 C C   . GLU B 2 38 ? 9.493   -26.285 5.669   1.00 111.47 ? 37 GLU B C   1 
ATOM   515 O O   . GLU B 2 38 ? 10.469  -25.861 5.038   1.00 111.62 ? 37 GLU B O   1 
ATOM   516 C CB  . GLU B 2 38 ? 7.645   -27.850 4.954   1.00 111.28 ? 37 GLU B CB  1 
ATOM   517 C CG  . GLU B 2 38 ? 6.243   -28.138 5.547   1.00 111.31 ? 37 GLU B CG  1 
ATOM   518 C CD  . GLU B 2 38 ? 6.104   -27.816 7.056   1.00 111.01 ? 37 GLU B CD  1 
ATOM   519 O OE1 . GLU B 2 38 ? 7.134   -27.715 7.770   1.00 110.14 ? 37 GLU B OE1 1 
ATOM   520 O OE2 . GLU B 2 38 ? 4.947   -27.667 7.525   1.00 110.19 ? 37 GLU B OE2 1 
HETATM 521 C C1  . GOL C 3 .  ? -5.317  15.572  0.736   1.00 97.85  ? 38 GOL A C1  1 
HETATM 522 O O1  . GOL C 3 .  ? -4.807  15.077  1.957   1.00 97.75  ? 38 GOL A O1  1 
HETATM 523 C C2  . GOL C 3 .  ? -4.266  16.377  -0.030  1.00 97.46  ? 38 GOL A C2  1 
HETATM 524 O O2  . GOL C 3 .  ? -3.896  17.526  0.705   1.00 98.25  ? 38 GOL A O2  1 
HETATM 525 C C3  . GOL C 3 .  ? -4.780  16.785  -1.414  1.00 96.60  ? 38 GOL A C3  1 
HETATM 526 O O3  . GOL C 3 .  ? -6.174  16.606  -1.494  1.00 95.00  ? 38 GOL A O3  1 
HETATM 527 O O   . HOH D 4 .  ? 2.820   6.626   -7.898  1.00 70.39  ? 39 HOH A O   1 
HETATM 528 O O   . HOH D 4 .  ? 1.123   0.024   -3.326  1.00 68.40  ? 40 HOH A O   1 
HETATM 529 O O   . HOH E 4 .  ? 8.794   -1.153  8.103   1.00 71.07  ? 40 HOH B O   1 
HETATM 530 O O   . HOH E 4 .  ? 10.363  -10.519 10.918  1.00 89.17  ? 41 HOH B O   1 
HETATM 531 O O   . HOH E 4 .  ? -2.119  22.721  3.256   1.00 92.50  ? 42 HOH B O   1 
# 
loop_
_pdbx_poly_seq_scheme.asym_id 
_pdbx_poly_seq_scheme.entity_id 
_pdbx_poly_seq_scheme.seq_id 
_pdbx_poly_seq_scheme.mon_id 
_pdbx_poly_seq_scheme.ndb_seq_num 
_pdbx_poly_seq_scheme.pdb_seq_num 
_pdbx_poly_seq_scheme.auth_seq_num 
_pdbx_poly_seq_scheme.pdb_mon_id 
_pdbx_poly_seq_scheme.auth_mon_id 
_pdbx_poly_seq_scheme.pdb_strand_id 
_pdbx_poly_seq_scheme.pdb_ins_code 
_pdbx_poly_seq_scheme.hetero 
A 1 1  ACE 1  0  ?  ?   ?   A . n 
A 1 2  SER 2  1  1  SER SER A . n 
A 1 3  GLY 3  2  2  GLY GLY A . n 
A 1 4  ILE 4  3  3  ILE ILE A . n 
A 1 5  VAL 5  4  4  VAL VAL A . n 
A 1 6  GLN 6  5  5  GLN GLN A . n 
A 1 7  GLN 7  6  6  GLN GLN A . n 
A 1 8  GLN 8  7  7  GLN GLN A . n 
A 1 9  ASN 9  8  8  ASN ASN A . n 
A 1 10 ASN 10 9  9  ASN ASN A . n 
A 1 11 LEU 11 10 10 LEU LEU A . n 
A 1 12 LEU 12 11 11 LEU LEU A . n 
A 1 13 ARG 13 12 12 ARG ARG A . n 
A 1 14 ALA 14 13 13 ALA ALA A . n 
A 1 15 ILE 15 14 14 ILE ILE A . n 
A 1 16 GLU 16 15 15 GLU GLU A . n 
A 1 17 ALA 17 16 16 ALA ALA A . n 
A 1 18 GLN 18 17 17 GLN GLN A . n 
A 1 19 GLN 19 18 18 GLN GLN A . n 
A 1 20 HIS 20 19 19 HIS HIS A . n 
A 1 21 LEU 21 20 20 LEU LEU A . n 
A 1 22 LEU 22 21 21 LEU LEU A . n 
A 1 23 GLN 23 22 22 GLN GLN A . n 
A 1 24 LEU 24 23 23 LEU LEU A . n 
A 1 25 THR 25 24 24 THR THR A . n 
A 1 26 VAL 26 25 25 VAL VAL A . n 
A 1 27 TRP 27 26 26 TRP TRP A . n 
A 1 28 GLY 28 27 27 GLY GLY A . n 
A 1 29 ILE 29 28 28 ILE ILE A . n 
A 1 30 LYS 30 29 29 LYS LYS A . n 
A 1 31 GLN 31 30 30 GLN GLN A . n 
A 1 32 LEU 32 31 31 LEU LEU A . n 
A 1 33 GLN 33 32 32 GLN GLN A . n 
A 1 34 ALA 34 33 33 ALA ALA A . n 
A 1 35 ARG 35 34 34 ARG ARG A . n 
A 1 36 ILE 36 35 ?  ?   ?   A . n 
A 1 37 LEU 37 36 ?  ?   ?   A . n 
A 1 38 NH2 38 37 ?  ?   ?   A . n 
B 2 1  ACE 1  0  ?  ?   ?   B . n 
B 2 2  B3T 2  1  ?  ?   ?   B . n 
B 2 3  THR 3  2  2  THR THR B . n 
B 2 4  TRP 4  3  3  TRP TRP B . n 
B 2 5  GLU 5  4  4  GLU GLU B . n 
B 2 6  XCP 6  5  5  XCP XCP B . n 
B 2 7  TRP 7  6  6  TRP TRP B . n 
B 2 8  ASP 8  7  7  ASP ASP B . n 
B 2 9  XPC 9  8  8  XPC XPC B . n 
B 2 10 ALA 10 9  9  ALA ALA B . n 
B 2 11 ILE 11 10 10 ILE ILE B . n 
B 2 12 ALA 12 11 11 ALA ALA B . n 
B 2 13 B3E 13 12 12 B3E B3E B . n 
B 2 14 TYR 14 13 13 TYR TYR B . n 
B 2 15 ALA 15 14 14 ALA ALA B . n 
B 2 16 XCP 16 15 15 XCP XCP B . n 
B 2 17 ARG 17 16 16 ARG ARG B . n 
B 2 18 ILE 18 17 17 ILE ILE B . n 
B 2 19 GLU 19 18 18 GLU GLU B . n 
B 2 20 XCP 20 19 19 XCP XCP B . n 
B 2 21 LEU 21 20 20 LEU LEU B . n 
B 2 22 ILE 22 21 21 ILE ILE B . n 
B 2 23 XPC 23 22 22 XPC XPC B . n 
B 2 24 ALA 24 23 23 ALA ALA B . n 
B 2 25 ALA 25 24 24 ALA ALA B . n 
B 2 26 GLN 26 25 25 GLN GLN B . n 
B 2 27 B3E 27 26 26 B3E B3E B . n 
B 2 28 GLN 28 27 27 GLN GLN B . n 
B 2 29 GLN 29 28 28 GLN GLN B . n 
B 2 30 B3E 30 29 29 B3E B3E B . n 
B 2 31 LYS 31 30 30 LYS LYS B . n 
B 2 32 ASN 32 31 31 ASN ASN B . n 
B 2 33 GLU 33 32 32 GLU GLU B . n 
B 2 34 XCP 34 33 33 XCP XCP B . n 
B 2 35 ALA 35 34 34 ALA ALA B . n 
B 2 36 LEU 36 35 35 LEU LEU B . n 
B 2 37 XPC 37 36 36 XPC XPC B . n 
B 2 38 GLU 38 37 37 GLU GLU B . n 
B 2 39 LEU 39 38 ?  ?   ?   B . n 
B 2 40 NH2 40 39 ?  ?   ?   B . n 
# 
loop_
_pdbx_nonpoly_scheme.asym_id 
_pdbx_nonpoly_scheme.entity_id 
_pdbx_nonpoly_scheme.mon_id 
_pdbx_nonpoly_scheme.ndb_seq_num 
_pdbx_nonpoly_scheme.pdb_seq_num 
_pdbx_nonpoly_scheme.auth_seq_num 
_pdbx_nonpoly_scheme.pdb_mon_id 
_pdbx_nonpoly_scheme.auth_mon_id 
_pdbx_nonpoly_scheme.pdb_strand_id 
_pdbx_nonpoly_scheme.pdb_ins_code 
C 3 GOL 1 38 1 GOL GOL A . 
D 4 HOH 1 39 5 HOH HOH A . 
D 4 HOH 2 40 6 HOH HOH A . 
E 4 HOH 1 40 1 HOH HOH B . 
E 4 HOH 2 41 2 HOH HOH B . 
E 4 HOH 3 42 4 HOH HOH B . 
# 
loop_
_pdbx_struct_mod_residue.id 
_pdbx_struct_mod_residue.label_asym_id 
_pdbx_struct_mod_residue.label_comp_id 
_pdbx_struct_mod_residue.label_seq_id 
_pdbx_struct_mod_residue.auth_asym_id 
_pdbx_struct_mod_residue.auth_comp_id 
_pdbx_struct_mod_residue.auth_seq_id 
_pdbx_struct_mod_residue.PDB_ins_code 
_pdbx_struct_mod_residue.parent_comp_id 
_pdbx_struct_mod_residue.details 
1 B B3E 13 B B3E 12 ? GLU '(3S)-3-AMINOHEXANEDIOIC ACID' 
2 B B3E 27 B B3E 26 ? GLU '(3S)-3-AMINOHEXANEDIOIC ACID' 
3 B B3E 30 B B3E 29 ? GLU '(3S)-3-AMINOHEXANEDIOIC ACID' 
# 
_pdbx_struct_assembly.id                   1 
_pdbx_struct_assembly.details              author_and_software_defined_assembly 
_pdbx_struct_assembly.method_details       PISA 
_pdbx_struct_assembly.oligomeric_details   hexameric 
_pdbx_struct_assembly.oligomeric_count     6 
# 
_pdbx_struct_assembly_gen.assembly_id       1 
_pdbx_struct_assembly_gen.oper_expression   1,2,3 
_pdbx_struct_assembly_gen.asym_id_list      A,B,C,D,E 
# 
loop_
_pdbx_struct_assembly_prop.biol_id 
_pdbx_struct_assembly_prop.type 
_pdbx_struct_assembly_prop.value 
_pdbx_struct_assembly_prop.details 
1 'ABSA (A^2)' 9670  ? 
1 MORE         -65   ? 
1 'SSA (A^2)'  10480 ? 
# 
loop_
_pdbx_struct_oper_list.id 
_pdbx_struct_oper_list.type 
_pdbx_struct_oper_list.name 
_pdbx_struct_oper_list.symmetry_operation 
_pdbx_struct_oper_list.matrix[1][1] 
_pdbx_struct_oper_list.matrix[1][2] 
_pdbx_struct_oper_list.matrix[1][3] 
_pdbx_struct_oper_list.vector[1] 
_pdbx_struct_oper_list.matrix[2][1] 
_pdbx_struct_oper_list.matrix[2][2] 
_pdbx_struct_oper_list.matrix[2][3] 
_pdbx_struct_oper_list.vector[2] 
_pdbx_struct_oper_list.matrix[3][1] 
_pdbx_struct_oper_list.matrix[3][2] 
_pdbx_struct_oper_list.matrix[3][3] 
_pdbx_struct_oper_list.vector[3] 
1 'identity operation'         1_555 x,y,z 1.0000000000  0.0000000000  0.0000000000  0.0000000000   0.0000000000  1.0000000000 0.0000000000  0.0000000000  0.0000000000  0.0000000000  1.0000000000  0.0000000000  
2 'crystal symmetry operation' 5_555 z,x,y -0.4072775970 0.0124101710  0.9132200976  -13.8384915215 -0.6720129350 0.6730601030 -0.3088506320 -3.6494301165 -0.6184849021 -0.7394836613 -0.2657825060 0.5398139925  
3 'crystal symmetry operation' 9_555 y,z,x -0.4072775970 -0.6720129350 -0.6184849021 -7.7547050129  0.0124101710  0.6730601030 -0.7394836613 3.0272074840  0.9132200976  -0.3088506320 -0.2657825060 11.6539328951 
# 
loop_
_pdbx_audit_revision_history.ordinal 
_pdbx_audit_revision_history.data_content_type 
_pdbx_audit_revision_history.major_revision 
_pdbx_audit_revision_history.minor_revision 
_pdbx_audit_revision_history.revision_date 
1 'Structure model' 1 0 2009-09-15 
2 'Structure model' 1 1 2011-07-13 
3 'Structure model' 1 2 2023-09-06 
4 'Structure model' 2 0 2023-11-15 
# 
_pdbx_audit_revision_details.ordinal             1 
_pdbx_audit_revision_details.revision_ordinal    1 
_pdbx_audit_revision_details.data_content_type   'Structure model' 
_pdbx_audit_revision_details.provider            repository 
_pdbx_audit_revision_details.type                'Initial release' 
_pdbx_audit_revision_details.description         ? 
_pdbx_audit_revision_details.details             ? 
# 
loop_
_pdbx_audit_revision_group.ordinal 
_pdbx_audit_revision_group.revision_ordinal 
_pdbx_audit_revision_group.data_content_type 
_pdbx_audit_revision_group.group 
1 2 'Structure model' 'Non-polymer description'   
2 2 'Structure model' 'Version format compliance' 
3 3 'Structure model' 'Data collection'           
4 3 'Structure model' 'Database references'       
5 3 'Structure model' 'Derived calculations'      
6 3 'Structure model' 'Refinement description'    
7 4 'Structure model' 'Atomic model'              
8 4 'Structure model' 'Data collection'           
# 
loop_
_pdbx_audit_revision_category.ordinal 
_pdbx_audit_revision_category.revision_ordinal 
_pdbx_audit_revision_category.data_content_type 
_pdbx_audit_revision_category.category 
1  3 'Structure model' chem_comp_atom                 
2  3 'Structure model' chem_comp_bond                 
3  3 'Structure model' database_2                     
4  3 'Structure model' pdbx_initial_refinement_model  
5  3 'Structure model' struct_conn                    
6  3 'Structure model' struct_ref_seq                 
7  3 'Structure model' struct_site                    
8  4 'Structure model' atom_site                      
9  4 'Structure model' chem_comp_atom                 
10 4 'Structure model' chem_comp_bond                 
11 4 'Structure model' pdbx_validate_main_chain_plane 
12 4 'Structure model' pdbx_validate_peptide_omega    
13 4 'Structure model' pdbx_validate_rmsd_angle       
14 4 'Structure model' pdbx_validate_torsion          
# 
loop_
_pdbx_audit_revision_item.ordinal 
_pdbx_audit_revision_item.revision_ordinal 
_pdbx_audit_revision_item.data_content_type 
_pdbx_audit_revision_item.item 
1  3 'Structure model' '_database_2.pdbx_DOI'                        
2  3 'Structure model' '_database_2.pdbx_database_accession'         
3  3 'Structure model' '_struct_conn.pdbx_leaving_atom_flag'         
4  3 'Structure model' '_struct_ref_seq.db_align_beg'                
5  3 'Structure model' '_struct_ref_seq.db_align_end'                
6  3 'Structure model' '_struct_site.pdbx_auth_asym_id'              
7  3 'Structure model' '_struct_site.pdbx_auth_comp_id'              
8  3 'Structure model' '_struct_site.pdbx_auth_seq_id'               
9  4 'Structure model' '_atom_site.auth_atom_id'                     
10 4 'Structure model' '_atom_site.label_atom_id'                    
11 4 'Structure model' '_chem_comp_atom.atom_id'                     
12 4 'Structure model' '_chem_comp_bond.atom_id_1'                   
13 4 'Structure model' '_chem_comp_bond.atom_id_2'                   
14 4 'Structure model' '_pdbx_validate_peptide_omega.auth_comp_id_1' 
15 4 'Structure model' '_pdbx_validate_peptide_omega.auth_comp_id_2' 
16 4 'Structure model' '_pdbx_validate_peptide_omega.auth_seq_id_1'  
17 4 'Structure model' '_pdbx_validate_peptide_omega.auth_seq_id_2'  
18 4 'Structure model' '_pdbx_validate_peptide_omega.omega'          
# 
loop_
_software.name 
_software.classification 
_software.version 
_software.citation_id 
_software.pdbx_ordinal 
MD2      'data collection' 'diffractometer software' ? 1 
PHASER   phasing           .                         ? 2 
REFMAC   refinement        5.5.0063                  ? 3 
HKL-2000 'data reduction'  .                         ? 4 
HKL-2000 'data scaling'    .                         ? 5 
# 
loop_
_pdbx_validate_rmsd_angle.id 
_pdbx_validate_rmsd_angle.PDB_model_num 
_pdbx_validate_rmsd_angle.auth_atom_id_1 
_pdbx_validate_rmsd_angle.auth_asym_id_1 
_pdbx_validate_rmsd_angle.auth_comp_id_1 
_pdbx_validate_rmsd_angle.auth_seq_id_1 
_pdbx_validate_rmsd_angle.PDB_ins_code_1 
_pdbx_validate_rmsd_angle.label_alt_id_1 
_pdbx_validate_rmsd_angle.auth_atom_id_2 
_pdbx_validate_rmsd_angle.auth_asym_id_2 
_pdbx_validate_rmsd_angle.auth_comp_id_2 
_pdbx_validate_rmsd_angle.auth_seq_id_2 
_pdbx_validate_rmsd_angle.PDB_ins_code_2 
_pdbx_validate_rmsd_angle.label_alt_id_2 
_pdbx_validate_rmsd_angle.auth_atom_id_3 
_pdbx_validate_rmsd_angle.auth_asym_id_3 
_pdbx_validate_rmsd_angle.auth_comp_id_3 
_pdbx_validate_rmsd_angle.auth_seq_id_3 
_pdbx_validate_rmsd_angle.PDB_ins_code_3 
_pdbx_validate_rmsd_angle.label_alt_id_3 
_pdbx_validate_rmsd_angle.angle_value 
_pdbx_validate_rmsd_angle.angle_target_value 
_pdbx_validate_rmsd_angle.angle_deviation 
_pdbx_validate_rmsd_angle.angle_standard_deviation 
_pdbx_validate_rmsd_angle.linker_flag 
1 1 C B GLU 18 ? ? N B XCP 19 ? ? CA B XCP 19 ? ? 141.54 121.70 19.84 2.50 Y 
2 1 C B GLU 32 ? ? N B XCP 33 ? ? CA B XCP 33 ? ? 153.85 121.70 32.15 2.50 Y 
# 
loop_
_pdbx_validate_torsion.id 
_pdbx_validate_torsion.PDB_model_num 
_pdbx_validate_torsion.auth_comp_id 
_pdbx_validate_torsion.auth_asym_id 
_pdbx_validate_torsion.auth_seq_id 
_pdbx_validate_torsion.PDB_ins_code 
_pdbx_validate_torsion.label_alt_id 
_pdbx_validate_torsion.phi 
_pdbx_validate_torsion.psi 
1 1 LEU A 31 ? ? -59.58  5.15   
2 1 GLN A 32 ? ? -96.55  59.47  
3 1 TRP B 3  ? ? -77.08  -79.31 
4 1 GLN B 28 ? ? -115.57 -75.61 
5 1 B3E B 29 ? ? -56.44  3.78   
# 
loop_
_pdbx_validate_peptide_omega.id 
_pdbx_validate_peptide_omega.PDB_model_num 
_pdbx_validate_peptide_omega.auth_comp_id_1 
_pdbx_validate_peptide_omega.auth_asym_id_1 
_pdbx_validate_peptide_omega.auth_seq_id_1 
_pdbx_validate_peptide_omega.PDB_ins_code_1 
_pdbx_validate_peptide_omega.label_alt_id_1 
_pdbx_validate_peptide_omega.auth_comp_id_2 
_pdbx_validate_peptide_omega.auth_asym_id_2 
_pdbx_validate_peptide_omega.auth_seq_id_2 
_pdbx_validate_peptide_omega.PDB_ins_code_2 
_pdbx_validate_peptide_omega.label_alt_id_2 
_pdbx_validate_peptide_omega.omega 
1  1 GLU B 4  ? ? XCP B 5  ? ? 136.02 
2  1 ASP B 7  ? ? XPC B 8  ? ? 134.69 
3  1 B3E B 12 ? ? TYR B 13 ? ? 143.19 
4  1 ALA B 14 ? ? XCP B 15 ? ? 140.57 
5  1 GLU B 18 ? ? XCP B 19 ? ? 144.55 
6  1 ILE B 21 ? ? XPC B 22 ? ? 134.27 
7  1 B3E B 26 ? ? GLN B 27 ? ? 141.07 
8  1 B3E B 29 ? ? LYS B 30 ? ? 147.81 
9  1 GLU B 32 ? ? XCP B 33 ? ? 147.20 
10 1 LEU B 35 ? ? XPC B 36 ? ? 135.53 
# 
loop_
_pdbx_validate_main_chain_plane.id 
_pdbx_validate_main_chain_plane.PDB_model_num 
_pdbx_validate_main_chain_plane.auth_comp_id 
_pdbx_validate_main_chain_plane.auth_asym_id 
_pdbx_validate_main_chain_plane.auth_seq_id 
_pdbx_validate_main_chain_plane.PDB_ins_code 
_pdbx_validate_main_chain_plane.label_alt_id 
_pdbx_validate_main_chain_plane.improper_torsion_angle 
1 1 B3E B 12 ? ? -17.05 
2 1 B3E B 26 ? ? -18.66 
3 1 B3E B 29 ? ? -14.97 
# 
loop_
_pdbx_unobs_or_zero_occ_atoms.id 
_pdbx_unobs_or_zero_occ_atoms.PDB_model_num 
_pdbx_unobs_or_zero_occ_atoms.polymer_flag 
_pdbx_unobs_or_zero_occ_atoms.occupancy_flag 
_pdbx_unobs_or_zero_occ_atoms.auth_asym_id 
_pdbx_unobs_or_zero_occ_atoms.auth_comp_id 
_pdbx_unobs_or_zero_occ_atoms.auth_seq_id 
_pdbx_unobs_or_zero_occ_atoms.PDB_ins_code 
_pdbx_unobs_or_zero_occ_atoms.auth_atom_id 
_pdbx_unobs_or_zero_occ_atoms.label_alt_id 
_pdbx_unobs_or_zero_occ_atoms.label_asym_id 
_pdbx_unobs_or_zero_occ_atoms.label_comp_id 
_pdbx_unobs_or_zero_occ_atoms.label_seq_id 
_pdbx_unobs_or_zero_occ_atoms.label_atom_id 
1  1 Y 1 A SER 1  ? OG  ? A SER 2  OG  
2  1 Y 1 A ILE 3  ? CG1 ? A ILE 4  CG1 
3  1 Y 1 A ILE 3  ? CG2 ? A ILE 4  CG2 
4  1 Y 1 A ILE 3  ? CD1 ? A ILE 4  CD1 
5  1 Y 1 A GLU 15 ? CD  ? A GLU 16 CD  
6  1 Y 1 A GLU 15 ? OE1 ? A GLU 16 OE1 
7  1 Y 1 A GLU 15 ? OE2 ? A GLU 16 OE2 
8  1 Y 1 A TRP 26 ? CD1 ? A TRP 27 CD1 
9  1 Y 1 A TRP 26 ? CD2 ? A TRP 27 CD2 
10 1 Y 1 A TRP 26 ? NE1 ? A TRP 27 NE1 
11 1 Y 1 A TRP 26 ? CE2 ? A TRP 27 CE2 
12 1 Y 1 A TRP 26 ? CE3 ? A TRP 27 CE3 
13 1 Y 1 A TRP 26 ? CZ2 ? A TRP 27 CZ2 
14 1 Y 1 A TRP 26 ? CZ3 ? A TRP 27 CZ3 
15 1 Y 1 A TRP 26 ? CH2 ? A TRP 27 CH2 
16 1 Y 1 A LYS 29 ? CG  ? A LYS 30 CG  
17 1 Y 1 A LYS 29 ? CD  ? A LYS 30 CD  
18 1 Y 1 A LYS 29 ? CE  ? A LYS 30 CE  
19 1 Y 1 A LYS 29 ? NZ  ? A LYS 30 NZ  
20 1 Y 1 A ARG 34 ? CA  ? A ARG 35 CA  
21 1 Y 1 A ARG 34 ? C   ? A ARG 35 C   
22 1 Y 1 A ARG 34 ? O   ? A ARG 35 O   
23 1 Y 1 A ARG 34 ? CB  ? A ARG 35 CB  
24 1 Y 1 A ARG 34 ? CG  ? A ARG 35 CG  
25 1 Y 1 A ARG 34 ? CD  ? A ARG 35 CD  
26 1 Y 1 A ARG 34 ? NE  ? A ARG 35 NE  
27 1 Y 1 A ARG 34 ? CZ  ? A ARG 35 CZ  
28 1 Y 1 A ARG 34 ? NH1 ? A ARG 35 NH1 
29 1 Y 1 A ARG 34 ? NH2 ? A ARG 35 NH2 
30 1 Y 1 B TRP 3  ? CG  ? B TRP 4  CG  
31 1 Y 1 B TRP 3  ? CD1 ? B TRP 4  CD1 
32 1 Y 1 B TRP 3  ? CD2 ? B TRP 4  CD2 
33 1 Y 1 B TRP 3  ? NE1 ? B TRP 4  NE1 
34 1 Y 1 B TRP 3  ? CE2 ? B TRP 4  CE2 
35 1 Y 1 B TRP 3  ? CE3 ? B TRP 4  CE3 
36 1 Y 1 B TRP 3  ? CZ2 ? B TRP 4  CZ2 
37 1 Y 1 B TRP 3  ? CZ3 ? B TRP 4  CZ3 
38 1 Y 1 B TRP 3  ? CH2 ? B TRP 4  CH2 
39 1 Y 1 B GLU 4  ? CG  ? B GLU 5  CG  
40 1 Y 1 B GLU 4  ? CD  ? B GLU 5  CD  
41 1 Y 1 B GLU 4  ? OE1 ? B GLU 5  OE1 
42 1 Y 1 B GLU 4  ? OE2 ? B GLU 5  OE2 
43 1 Y 1 B TRP 6  ? CG  ? B TRP 7  CG  
44 1 Y 1 B TRP 6  ? CD1 ? B TRP 7  CD1 
45 1 Y 1 B TRP 6  ? CD2 ? B TRP 7  CD2 
46 1 Y 1 B TRP 6  ? NE1 ? B TRP 7  NE1 
47 1 Y 1 B TRP 6  ? CE2 ? B TRP 7  CE2 
48 1 Y 1 B TRP 6  ? CE3 ? B TRP 7  CE3 
49 1 Y 1 B TRP 6  ? CZ2 ? B TRP 7  CZ2 
50 1 Y 1 B TRP 6  ? CZ3 ? B TRP 7  CZ3 
51 1 Y 1 B TRP 6  ? CH2 ? B TRP 7  CH2 
52 1 Y 1 B GLN 25 ? CD  ? B GLN 26 CD  
53 1 Y 1 B GLN 25 ? OE1 ? B GLN 26 OE1 
54 1 Y 1 B GLN 25 ? NE2 ? B GLN 26 NE2 
55 1 Y 1 B B3E 29 ? CD  ? B B3E 30 CD  
56 1 Y 1 B B3E 29 ? CE  ? B B3E 30 CE  
57 1 Y 1 B B3E 29 ? OF2 ? B B3E 30 OF2 
58 1 Y 1 B B3E 29 ? OF1 ? B B3E 30 OF1 
59 1 Y 1 B LYS 30 ? CG  ? B LYS 31 CG  
60 1 Y 1 B LYS 30 ? CD  ? B LYS 31 CD  
61 1 Y 1 B LYS 30 ? CE  ? B LYS 31 CE  
62 1 Y 1 B LYS 30 ? NZ  ? B LYS 31 NZ  
# 
loop_
_pdbx_unobs_or_zero_occ_residues.id 
_pdbx_unobs_or_zero_occ_residues.PDB_model_num 
_pdbx_unobs_or_zero_occ_residues.polymer_flag 
_pdbx_unobs_or_zero_occ_residues.occupancy_flag 
_pdbx_unobs_or_zero_occ_residues.auth_asym_id 
_pdbx_unobs_or_zero_occ_residues.auth_comp_id 
_pdbx_unobs_or_zero_occ_residues.auth_seq_id 
_pdbx_unobs_or_zero_occ_residues.PDB_ins_code 
_pdbx_unobs_or_zero_occ_residues.label_asym_id 
_pdbx_unobs_or_zero_occ_residues.label_comp_id 
_pdbx_unobs_or_zero_occ_residues.label_seq_id 
1 1 Y 1 A ACE 0  ? A ACE 1  
2 1 Y 1 A ILE 35 ? A ILE 36 
3 1 Y 1 A LEU 36 ? A LEU 37 
4 1 Y 1 A NH2 37 ? A NH2 38 
5 1 Y 1 B ACE 0  ? B ACE 1  
6 1 Y 1 B B3T 1  ? B B3T 2  
7 1 Y 1 B LEU 38 ? B LEU 39 
8 1 Y 1 B NH2 39 ? B NH2 40 
# 
loop_
_chem_comp_atom.comp_id 
_chem_comp_atom.atom_id 
_chem_comp_atom.type_symbol 
_chem_comp_atom.pdbx_aromatic_flag 
_chem_comp_atom.pdbx_stereo_config 
_chem_comp_atom.pdbx_ordinal 
ACE C    C N N 1   
ACE O    O N N 2   
ACE CH3  C N N 3   
ACE H    H N N 4   
ACE H1   H N N 5   
ACE H2   H N N 6   
ACE H3   H N N 7   
ALA N    N N N 8   
ALA CA   C N S 9   
ALA C    C N N 10  
ALA O    O N N 11  
ALA CB   C N N 12  
ALA OXT  O N N 13  
ALA H    H N N 14  
ALA H2   H N N 15  
ALA HA   H N N 16  
ALA HB1  H N N 17  
ALA HB2  H N N 18  
ALA HB3  H N N 19  
ALA HXT  H N N 20  
ARG N    N N N 21  
ARG CA   C N S 22  
ARG C    C N N 23  
ARG O    O N N 24  
ARG CB   C N N 25  
ARG CG   C N N 26  
ARG CD   C N N 27  
ARG NE   N N N 28  
ARG CZ   C N N 29  
ARG NH1  N N N 30  
ARG NH2  N N N 31  
ARG OXT  O N N 32  
ARG H    H N N 33  
ARG H2   H N N 34  
ARG HA   H N N 35  
ARG HB2  H N N 36  
ARG HB3  H N N 37  
ARG HG2  H N N 38  
ARG HG3  H N N 39  
ARG HD2  H N N 40  
ARG HD3  H N N 41  
ARG HE   H N N 42  
ARG HH11 H N N 43  
ARG HH12 H N N 44  
ARG HH21 H N N 45  
ARG HH22 H N N 46  
ARG HXT  H N N 47  
ASN N    N N N 48  
ASN CA   C N S 49  
ASN C    C N N 50  
ASN O    O N N 51  
ASN CB   C N N 52  
ASN CG   C N N 53  
ASN OD1  O N N 54  
ASN ND2  N N N 55  
ASN OXT  O N N 56  
ASN H    H N N 57  
ASN H2   H N N 58  
ASN HA   H N N 59  
ASN HB2  H N N 60  
ASN HB3  H N N 61  
ASN HD21 H N N 62  
ASN HD22 H N N 63  
ASN HXT  H N N 64  
ASP N    N N N 65  
ASP CA   C N S 66  
ASP C    C N N 67  
ASP O    O N N 68  
ASP CB   C N N 69  
ASP CG   C N N 70  
ASP OD1  O N N 71  
ASP OD2  O N N 72  
ASP OXT  O N N 73  
ASP H    H N N 74  
ASP H2   H N N 75  
ASP HA   H N N 76  
ASP HB2  H N N 77  
ASP HB3  H N N 78  
ASP HD2  H N N 79  
ASP HXT  H N N 80  
B3E N    N N N 81  
B3E CA   C N S 82  
B3E CG   C N N 83  
B3E CD   C N N 84  
B3E CE   C N N 85  
B3E OF2  O N N 86  
B3E OF1  O N N 87  
B3E CB   C N N 88  
B3E C    C N N 89  
B3E O    O N N 90  
B3E OXT  O N N 91  
B3E H    H N N 92  
B3E H2   H N N 93  
B3E HA   H N N 94  
B3E HG2  H N N 95  
B3E HG3  H N N 96  
B3E HD2  H N N 97  
B3E HD3  H N N 98  
B3E HOF1 H N N 99  
B3E HB1  H N N 100 
B3E HB2  H N N 101 
B3E HXT  H N N 102 
B3T CG   C N R 103 
B3T OD1  O N N 104 
B3T CD2  C N N 105 
B3T CA   C N R 106 
B3T N    N N N 107 
B3T CB   C N N 108 
B3T C    C N N 109 
B3T O    O N N 110 
B3T HG   H N N 111 
B3T HOD1 H N N 112 
B3T H1D2 H N N 113 
B3T H2D2 H N N 114 
B3T H3D2 H N N 115 
B3T HA   H N N 116 
B3T H    H N N 117 
B3T HB1  H N N 118 
B3T HB2  H N N 119 
B3T H2   H N N 120 
B3T OXT  O N N 121 
B3T HXT  H N N 122 
GLN N    N N N 123 
GLN CA   C N S 124 
GLN C    C N N 125 
GLN O    O N N 126 
GLN CB   C N N 127 
GLN CG   C N N 128 
GLN CD   C N N 129 
GLN OE1  O N N 130 
GLN NE2  N N N 131 
GLN OXT  O N N 132 
GLN H    H N N 133 
GLN H2   H N N 134 
GLN HA   H N N 135 
GLN HB2  H N N 136 
GLN HB3  H N N 137 
GLN HG2  H N N 138 
GLN HG3  H N N 139 
GLN HE21 H N N 140 
GLN HE22 H N N 141 
GLN HXT  H N N 142 
GLU N    N N N 143 
GLU CA   C N S 144 
GLU C    C N N 145 
GLU O    O N N 146 
GLU CB   C N N 147 
GLU CG   C N N 148 
GLU CD   C N N 149 
GLU OE1  O N N 150 
GLU OE2  O N N 151 
GLU OXT  O N N 152 
GLU H    H N N 153 
GLU H2   H N N 154 
GLU HA   H N N 155 
GLU HB2  H N N 156 
GLU HB3  H N N 157 
GLU HG2  H N N 158 
GLU HG3  H N N 159 
GLU HE2  H N N 160 
GLU HXT  H N N 161 
GLY N    N N N 162 
GLY CA   C N N 163 
GLY C    C N N 164 
GLY O    O N N 165 
GLY OXT  O N N 166 
GLY H    H N N 167 
GLY H2   H N N 168 
GLY HA2  H N N 169 
GLY HA3  H N N 170 
GLY HXT  H N N 171 
GOL C1   C N N 172 
GOL O1   O N N 173 
GOL C2   C N N 174 
GOL O2   O N N 175 
GOL C3   C N N 176 
GOL O3   O N N 177 
GOL H11  H N N 178 
GOL H12  H N N 179 
GOL HO1  H N N 180 
GOL H2   H N N 181 
GOL HO2  H N N 182 
GOL H31  H N N 183 
GOL H32  H N N 184 
GOL HO3  H N N 185 
HIS N    N N N 186 
HIS CA   C N S 187 
HIS C    C N N 188 
HIS O    O N N 189 
HIS CB   C N N 190 
HIS CG   C Y N 191 
HIS ND1  N Y N 192 
HIS CD2  C Y N 193 
HIS CE1  C Y N 194 
HIS NE2  N Y N 195 
HIS OXT  O N N 196 
HIS H    H N N 197 
HIS H2   H N N 198 
HIS HA   H N N 199 
HIS HB2  H N N 200 
HIS HB3  H N N 201 
HIS HD1  H N N 202 
HIS HD2  H N N 203 
HIS HE1  H N N 204 
HIS HE2  H N N 205 
HIS HXT  H N N 206 
HOH O    O N N 207 
HOH H1   H N N 208 
HOH H2   H N N 209 
ILE N    N N N 210 
ILE CA   C N S 211 
ILE C    C N N 212 
ILE O    O N N 213 
ILE CB   C N S 214 
ILE CG1  C N N 215 
ILE CG2  C N N 216 
ILE CD1  C N N 217 
ILE OXT  O N N 218 
ILE H    H N N 219 
ILE H2   H N N 220 
ILE HA   H N N 221 
ILE HB   H N N 222 
ILE HG12 H N N 223 
ILE HG13 H N N 224 
ILE HG21 H N N 225 
ILE HG22 H N N 226 
ILE HG23 H N N 227 
ILE HD11 H N N 228 
ILE HD12 H N N 229 
ILE HD13 H N N 230 
ILE HXT  H N N 231 
LEU N    N N N 232 
LEU CA   C N S 233 
LEU C    C N N 234 
LEU O    O N N 235 
LEU CB   C N N 236 
LEU CG   C N N 237 
LEU CD1  C N N 238 
LEU CD2  C N N 239 
LEU OXT  O N N 240 
LEU H    H N N 241 
LEU H2   H N N 242 
LEU HA   H N N 243 
LEU HB2  H N N 244 
LEU HB3  H N N 245 
LEU HG   H N N 246 
LEU HD11 H N N 247 
LEU HD12 H N N 248 
LEU HD13 H N N 249 
LEU HD21 H N N 250 
LEU HD22 H N N 251 
LEU HD23 H N N 252 
LEU HXT  H N N 253 
LYS N    N N N 254 
LYS CA   C N S 255 
LYS C    C N N 256 
LYS O    O N N 257 
LYS CB   C N N 258 
LYS CG   C N N 259 
LYS CD   C N N 260 
LYS CE   C N N 261 
LYS NZ   N N N 262 
LYS OXT  O N N 263 
LYS H    H N N 264 
LYS H2   H N N 265 
LYS HA   H N N 266 
LYS HB2  H N N 267 
LYS HB3  H N N 268 
LYS HG2  H N N 269 
LYS HG3  H N N 270 
LYS HD2  H N N 271 
LYS HD3  H N N 272 
LYS HE2  H N N 273 
LYS HE3  H N N 274 
LYS HZ1  H N N 275 
LYS HZ2  H N N 276 
LYS HZ3  H N N 277 
LYS HXT  H N N 278 
NH2 N    N N N 279 
NH2 HN1  H N N 280 
NH2 HN2  H N N 281 
SER N    N N N 282 
SER CA   C N S 283 
SER C    C N N 284 
SER O    O N N 285 
SER CB   C N N 286 
SER OG   O N N 287 
SER OXT  O N N 288 
SER H    H N N 289 
SER H2   H N N 290 
SER HA   H N N 291 
SER HB2  H N N 292 
SER HB3  H N N 293 
SER HG   H N N 294 
SER HXT  H N N 295 
THR N    N N N 296 
THR CA   C N S 297 
THR C    C N N 298 
THR O    O N N 299 
THR CB   C N R 300 
THR OG1  O N N 301 
THR CG2  C N N 302 
THR OXT  O N N 303 
THR H    H N N 304 
THR H2   H N N 305 
THR HA   H N N 306 
THR HB   H N N 307 
THR HG1  H N N 308 
THR HG21 H N N 309 
THR HG22 H N N 310 
THR HG23 H N N 311 
THR HXT  H N N 312 
TRP N    N N N 313 
TRP CA   C N S 314 
TRP C    C N N 315 
TRP O    O N N 316 
TRP CB   C N N 317 
TRP CG   C Y N 318 
TRP CD1  C Y N 319 
TRP CD2  C Y N 320 
TRP NE1  N Y N 321 
TRP CE2  C Y N 322 
TRP CE3  C Y N 323 
TRP CZ2  C Y N 324 
TRP CZ3  C Y N 325 
TRP CH2  C Y N 326 
TRP OXT  O N N 327 
TRP H    H N N 328 
TRP H2   H N N 329 
TRP HA   H N N 330 
TRP HB2  H N N 331 
TRP HB3  H N N 332 
TRP HD1  H N N 333 
TRP HE1  H N N 334 
TRP HE3  H N N 335 
TRP HZ2  H N N 336 
TRP HZ3  H N N 337 
TRP HH2  H N N 338 
TRP HXT  H N N 339 
TYR N    N N N 340 
TYR CA   C N S 341 
TYR C    C N N 342 
TYR O    O N N 343 
TYR CB   C N N 344 
TYR CG   C Y N 345 
TYR CD1  C Y N 346 
TYR CD2  C Y N 347 
TYR CE1  C Y N 348 
TYR CE2  C Y N 349 
TYR CZ   C Y N 350 
TYR OH   O N N 351 
TYR OXT  O N N 352 
TYR H    H N N 353 
TYR H2   H N N 354 
TYR HA   H N N 355 
TYR HB2  H N N 356 
TYR HB3  H N N 357 
TYR HD1  H N N 358 
TYR HD2  H N N 359 
TYR HE1  H N N 360 
TYR HE2  H N N 361 
TYR HH   H N N 362 
TYR HXT  H N N 363 
VAL N    N N N 364 
VAL CA   C N S 365 
VAL C    C N N 366 
VAL O    O N N 367 
VAL CB   C N N 368 
VAL CG1  C N N 369 
VAL CG2  C N N 370 
VAL OXT  O N N 371 
VAL H    H N N 372 
VAL H2   H N N 373 
VAL HA   H N N 374 
VAL HB   H N N 375 
VAL HG11 H N N 376 
VAL HG12 H N N 377 
VAL HG13 H N N 378 
VAL HG21 H N N 379 
VAL HG22 H N N 380 
VAL HG23 H N N 381 
VAL HXT  H N N 382 
XCP N    N N N 383 
XCP CB   C N S 384 
XCP CG   C N N 385 
XCP CD   C N N 386 
XCP CE   C N N 387 
XCP CA   C N S 388 
XCP C    C N N 389 
XCP O    O N N 390 
XCP H    H N N 391 
XCP HB   H N N 392 
XCP HG   H N N 393 
XCP HGA  H N N 394 
XCP HD   H N N 395 
XCP HDA  H N N 396 
XCP HE   H N N 397 
XCP HEA  H N N 398 
XCP HA   H N N 399 
XCP H2   H N N 400 
XCP OXT  O N N 401 
XCP HXT  H N N 402 
XPC N    N N N 403 
XPC CB   C N R 404 
XPC CG   C N N 405 
XPC ND   N N N 406 
XPC CE   C N N 407 
XPC CA   C N S 408 
XPC C    C N N 409 
XPC O    O N N 410 
XPC H    H N N 411 
XPC HB   H N N 412 
XPC HG   H N N 413 
XPC HGA  H N N 414 
XPC HND  H N N 415 
XPC HE   H N N 416 
XPC HEA  H N N 417 
XPC HA   H N N 418 
XPC H2   H N N 419 
XPC OXT  O N N 420 
XPC HXT  H N N 421 
# 
loop_
_chem_comp_bond.comp_id 
_chem_comp_bond.atom_id_1 
_chem_comp_bond.atom_id_2 
_chem_comp_bond.value_order 
_chem_comp_bond.pdbx_aromatic_flag 
_chem_comp_bond.pdbx_stereo_config 
_chem_comp_bond.pdbx_ordinal 
ACE C    O    doub N N 1   
ACE C    CH3  sing N N 2   
ACE C    H    sing N N 3   
ACE CH3  H1   sing N N 4   
ACE CH3  H2   sing N N 5   
ACE CH3  H3   sing N N 6   
ALA N    CA   sing N N 7   
ALA N    H    sing N N 8   
ALA N    H2   sing N N 9   
ALA CA   C    sing N N 10  
ALA CA   CB   sing N N 11  
ALA CA   HA   sing N N 12  
ALA C    O    doub N N 13  
ALA C    OXT  sing N N 14  
ALA CB   HB1  sing N N 15  
ALA CB   HB2  sing N N 16  
ALA CB   HB3  sing N N 17  
ALA OXT  HXT  sing N N 18  
ARG N    CA   sing N N 19  
ARG N    H    sing N N 20  
ARG N    H2   sing N N 21  
ARG CA   C    sing N N 22  
ARG CA   CB   sing N N 23  
ARG CA   HA   sing N N 24  
ARG C    O    doub N N 25  
ARG C    OXT  sing N N 26  
ARG CB   CG   sing N N 27  
ARG CB   HB2  sing N N 28  
ARG CB   HB3  sing N N 29  
ARG CG   CD   sing N N 30  
ARG CG   HG2  sing N N 31  
ARG CG   HG3  sing N N 32  
ARG CD   NE   sing N N 33  
ARG CD   HD2  sing N N 34  
ARG CD   HD3  sing N N 35  
ARG NE   CZ   sing N N 36  
ARG NE   HE   sing N N 37  
ARG CZ   NH1  sing N N 38  
ARG CZ   NH2  doub N N 39  
ARG NH1  HH11 sing N N 40  
ARG NH1  HH12 sing N N 41  
ARG NH2  HH21 sing N N 42  
ARG NH2  HH22 sing N N 43  
ARG OXT  HXT  sing N N 44  
ASN N    CA   sing N N 45  
ASN N    H    sing N N 46  
ASN N    H2   sing N N 47  
ASN CA   C    sing N N 48  
ASN CA   CB   sing N N 49  
ASN CA   HA   sing N N 50  
ASN C    O    doub N N 51  
ASN C    OXT  sing N N 52  
ASN CB   CG   sing N N 53  
ASN CB   HB2  sing N N 54  
ASN CB   HB3  sing N N 55  
ASN CG   OD1  doub N N 56  
ASN CG   ND2  sing N N 57  
ASN ND2  HD21 sing N N 58  
ASN ND2  HD22 sing N N 59  
ASN OXT  HXT  sing N N 60  
ASP N    CA   sing N N 61  
ASP N    H    sing N N 62  
ASP N    H2   sing N N 63  
ASP CA   C    sing N N 64  
ASP CA   CB   sing N N 65  
ASP CA   HA   sing N N 66  
ASP C    O    doub N N 67  
ASP C    OXT  sing N N 68  
ASP CB   CG   sing N N 69  
ASP CB   HB2  sing N N 70  
ASP CB   HB3  sing N N 71  
ASP CG   OD1  doub N N 72  
ASP CG   OD2  sing N N 73  
ASP OD2  HD2  sing N N 74  
ASP OXT  HXT  sing N N 75  
B3E N    CA   sing N N 76  
B3E N    H    sing N N 77  
B3E N    H2   sing N N 78  
B3E CA   CG   sing N N 79  
B3E CA   CB   sing N N 80  
B3E CA   HA   sing N N 81  
B3E CG   CD   sing N N 82  
B3E CG   HG2  sing N N 83  
B3E CG   HG3  sing N N 84  
B3E CD   CE   sing N N 85  
B3E CD   HD2  sing N N 86  
B3E CD   HD3  sing N N 87  
B3E CE   OF2  doub N N 88  
B3E CE   OF1  sing N N 89  
B3E OF1  HOF1 sing N N 90  
B3E CB   C    sing N N 91  
B3E CB   HB1  sing N N 92  
B3E CB   HB2  sing N N 93  
B3E C    OXT  sing N N 94  
B3E C    O    doub N N 95  
B3E OXT  HXT  sing N N 96  
B3T CG   CD2  sing N N 97  
B3T OD1  CG   sing N N 98  
B3T CD2  H1D2 sing N N 99  
B3T CD2  H2D2 sing N N 100 
B3T CD2  H3D2 sing N N 101 
B3T CA   CG   sing N N 102 
B3T CA   N    sing N N 103 
B3T N    H2   sing N N 104 
B3T CB   CA   sing N N 105 
B3T CB   HB1  sing N N 106 
B3T CB   HB2  sing N N 107 
B3T C    CB   sing N N 108 
B3T C    OXT  sing N N 109 
B3T O    C    doub N N 110 
B3T HG   CG   sing N N 111 
B3T HOD1 OD1  sing N N 112 
B3T HA   CA   sing N N 113 
B3T H    N    sing N N 114 
B3T OXT  HXT  sing N N 115 
GLN N    CA   sing N N 116 
GLN N    H    sing N N 117 
GLN N    H2   sing N N 118 
GLN CA   C    sing N N 119 
GLN CA   CB   sing N N 120 
GLN CA   HA   sing N N 121 
GLN C    O    doub N N 122 
GLN C    OXT  sing N N 123 
GLN CB   CG   sing N N 124 
GLN CB   HB2  sing N N 125 
GLN CB   HB3  sing N N 126 
GLN CG   CD   sing N N 127 
GLN CG   HG2  sing N N 128 
GLN CG   HG3  sing N N 129 
GLN CD   OE1  doub N N 130 
GLN CD   NE2  sing N N 131 
GLN NE2  HE21 sing N N 132 
GLN NE2  HE22 sing N N 133 
GLN OXT  HXT  sing N N 134 
GLU N    CA   sing N N 135 
GLU N    H    sing N N 136 
GLU N    H2   sing N N 137 
GLU CA   C    sing N N 138 
GLU CA   CB   sing N N 139 
GLU CA   HA   sing N N 140 
GLU C    O    doub N N 141 
GLU C    OXT  sing N N 142 
GLU CB   CG   sing N N 143 
GLU CB   HB2  sing N N 144 
GLU CB   HB3  sing N N 145 
GLU CG   CD   sing N N 146 
GLU CG   HG2  sing N N 147 
GLU CG   HG3  sing N N 148 
GLU CD   OE1  doub N N 149 
GLU CD   OE2  sing N N 150 
GLU OE2  HE2  sing N N 151 
GLU OXT  HXT  sing N N 152 
GLY N    CA   sing N N 153 
GLY N    H    sing N N 154 
GLY N    H2   sing N N 155 
GLY CA   C    sing N N 156 
GLY CA   HA2  sing N N 157 
GLY CA   HA3  sing N N 158 
GLY C    O    doub N N 159 
GLY C    OXT  sing N N 160 
GLY OXT  HXT  sing N N 161 
GOL C1   O1   sing N N 162 
GOL C1   C2   sing N N 163 
GOL C1   H11  sing N N 164 
GOL C1   H12  sing N N 165 
GOL O1   HO1  sing N N 166 
GOL C2   O2   sing N N 167 
GOL C2   C3   sing N N 168 
GOL C2   H2   sing N N 169 
GOL O2   HO2  sing N N 170 
GOL C3   O3   sing N N 171 
GOL C3   H31  sing N N 172 
GOL C3   H32  sing N N 173 
GOL O3   HO3  sing N N 174 
HIS N    CA   sing N N 175 
HIS N    H    sing N N 176 
HIS N    H2   sing N N 177 
HIS CA   C    sing N N 178 
HIS CA   CB   sing N N 179 
HIS CA   HA   sing N N 180 
HIS C    O    doub N N 181 
HIS C    OXT  sing N N 182 
HIS CB   CG   sing N N 183 
HIS CB   HB2  sing N N 184 
HIS CB   HB3  sing N N 185 
HIS CG   ND1  sing Y N 186 
HIS CG   CD2  doub Y N 187 
HIS ND1  CE1  doub Y N 188 
HIS ND1  HD1  sing N N 189 
HIS CD2  NE2  sing Y N 190 
HIS CD2  HD2  sing N N 191 
HIS CE1  NE2  sing Y N 192 
HIS CE1  HE1  sing N N 193 
HIS NE2  HE2  sing N N 194 
HIS OXT  HXT  sing N N 195 
HOH O    H1   sing N N 196 
HOH O    H2   sing N N 197 
ILE N    CA   sing N N 198 
ILE N    H    sing N N 199 
ILE N    H2   sing N N 200 
ILE CA   C    sing N N 201 
ILE CA   CB   sing N N 202 
ILE CA   HA   sing N N 203 
ILE C    O    doub N N 204 
ILE C    OXT  sing N N 205 
ILE CB   CG1  sing N N 206 
ILE CB   CG2  sing N N 207 
ILE CB   HB   sing N N 208 
ILE CG1  CD1  sing N N 209 
ILE CG1  HG12 sing N N 210 
ILE CG1  HG13 sing N N 211 
ILE CG2  HG21 sing N N 212 
ILE CG2  HG22 sing N N 213 
ILE CG2  HG23 sing N N 214 
ILE CD1  HD11 sing N N 215 
ILE CD1  HD12 sing N N 216 
ILE CD1  HD13 sing N N 217 
ILE OXT  HXT  sing N N 218 
LEU N    CA   sing N N 219 
LEU N    H    sing N N 220 
LEU N    H2   sing N N 221 
LEU CA   C    sing N N 222 
LEU CA   CB   sing N N 223 
LEU CA   HA   sing N N 224 
LEU C    O    doub N N 225 
LEU C    OXT  sing N N 226 
LEU CB   CG   sing N N 227 
LEU CB   HB2  sing N N 228 
LEU CB   HB3  sing N N 229 
LEU CG   CD1  sing N N 230 
LEU CG   CD2  sing N N 231 
LEU CG   HG   sing N N 232 
LEU CD1  HD11 sing N N 233 
LEU CD1  HD12 sing N N 234 
LEU CD1  HD13 sing N N 235 
LEU CD2  HD21 sing N N 236 
LEU CD2  HD22 sing N N 237 
LEU CD2  HD23 sing N N 238 
LEU OXT  HXT  sing N N 239 
LYS N    CA   sing N N 240 
LYS N    H    sing N N 241 
LYS N    H2   sing N N 242 
LYS CA   C    sing N N 243 
LYS CA   CB   sing N N 244 
LYS CA   HA   sing N N 245 
LYS C    O    doub N N 246 
LYS C    OXT  sing N N 247 
LYS CB   CG   sing N N 248 
LYS CB   HB2  sing N N 249 
LYS CB   HB3  sing N N 250 
LYS CG   CD   sing N N 251 
LYS CG   HG2  sing N N 252 
LYS CG   HG3  sing N N 253 
LYS CD   CE   sing N N 254 
LYS CD   HD2  sing N N 255 
LYS CD   HD3  sing N N 256 
LYS CE   NZ   sing N N 257 
LYS CE   HE2  sing N N 258 
LYS CE   HE3  sing N N 259 
LYS NZ   HZ1  sing N N 260 
LYS NZ   HZ2  sing N N 261 
LYS NZ   HZ3  sing N N 262 
LYS OXT  HXT  sing N N 263 
NH2 N    HN1  sing N N 264 
NH2 N    HN2  sing N N 265 
SER N    CA   sing N N 266 
SER N    H    sing N N 267 
SER N    H2   sing N N 268 
SER CA   C    sing N N 269 
SER CA   CB   sing N N 270 
SER CA   HA   sing N N 271 
SER C    O    doub N N 272 
SER C    OXT  sing N N 273 
SER CB   OG   sing N N 274 
SER CB   HB2  sing N N 275 
SER CB   HB3  sing N N 276 
SER OG   HG   sing N N 277 
SER OXT  HXT  sing N N 278 
THR N    CA   sing N N 279 
THR N    H    sing N N 280 
THR N    H2   sing N N 281 
THR CA   C    sing N N 282 
THR CA   CB   sing N N 283 
THR CA   HA   sing N N 284 
THR C    O    doub N N 285 
THR C    OXT  sing N N 286 
THR CB   OG1  sing N N 287 
THR CB   CG2  sing N N 288 
THR CB   HB   sing N N 289 
THR OG1  HG1  sing N N 290 
THR CG2  HG21 sing N N 291 
THR CG2  HG22 sing N N 292 
THR CG2  HG23 sing N N 293 
THR OXT  HXT  sing N N 294 
TRP N    CA   sing N N 295 
TRP N    H    sing N N 296 
TRP N    H2   sing N N 297 
TRP CA   C    sing N N 298 
TRP CA   CB   sing N N 299 
TRP CA   HA   sing N N 300 
TRP C    O    doub N N 301 
TRP C    OXT  sing N N 302 
TRP CB   CG   sing N N 303 
TRP CB   HB2  sing N N 304 
TRP CB   HB3  sing N N 305 
TRP CG   CD1  doub Y N 306 
TRP CG   CD2  sing Y N 307 
TRP CD1  NE1  sing Y N 308 
TRP CD1  HD1  sing N N 309 
TRP CD2  CE2  doub Y N 310 
TRP CD2  CE3  sing Y N 311 
TRP NE1  CE2  sing Y N 312 
TRP NE1  HE1  sing N N 313 
TRP CE2  CZ2  sing Y N 314 
TRP CE3  CZ3  doub Y N 315 
TRP CE3  HE3  sing N N 316 
TRP CZ2  CH2  doub Y N 317 
TRP CZ2  HZ2  sing N N 318 
TRP CZ3  CH2  sing Y N 319 
TRP CZ3  HZ3  sing N N 320 
TRP CH2  HH2  sing N N 321 
TRP OXT  HXT  sing N N 322 
TYR N    CA   sing N N 323 
TYR N    H    sing N N 324 
TYR N    H2   sing N N 325 
TYR CA   C    sing N N 326 
TYR CA   CB   sing N N 327 
TYR CA   HA   sing N N 328 
TYR C    O    doub N N 329 
TYR C    OXT  sing N N 330 
TYR CB   CG   sing N N 331 
TYR CB   HB2  sing N N 332 
TYR CB   HB3  sing N N 333 
TYR CG   CD1  doub Y N 334 
TYR CG   CD2  sing Y N 335 
TYR CD1  CE1  sing Y N 336 
TYR CD1  HD1  sing N N 337 
TYR CD2  CE2  doub Y N 338 
TYR CD2  HD2  sing N N 339 
TYR CE1  CZ   doub Y N 340 
TYR CE1  HE1  sing N N 341 
TYR CE2  CZ   sing Y N 342 
TYR CE2  HE2  sing N N 343 
TYR CZ   OH   sing N N 344 
TYR OH   HH   sing N N 345 
TYR OXT  HXT  sing N N 346 
VAL N    CA   sing N N 347 
VAL N    H    sing N N 348 
VAL N    H2   sing N N 349 
VAL CA   C    sing N N 350 
VAL CA   CB   sing N N 351 
VAL CA   HA   sing N N 352 
VAL C    O    doub N N 353 
VAL C    OXT  sing N N 354 
VAL CB   CG1  sing N N 355 
VAL CB   CG2  sing N N 356 
VAL CB   HB   sing N N 357 
VAL CG1  HG11 sing N N 358 
VAL CG1  HG12 sing N N 359 
VAL CG1  HG13 sing N N 360 
VAL CG2  HG21 sing N N 361 
VAL CG2  HG22 sing N N 362 
VAL CG2  HG23 sing N N 363 
VAL OXT  HXT  sing N N 364 
XCP N    H    sing N N 365 
XCP N    H2   sing N N 366 
XCP CB   N    sing N N 367 
XCP CB   CG   sing N N 368 
XCP CG   HGA  sing N N 369 
XCP CD   CG   sing N N 370 
XCP CD   HD   sing N N 371 
XCP CE   CD   sing N N 372 
XCP CE   CA   sing N N 373 
XCP CE   HE   sing N N 374 
XCP CA   CB   sing N N 375 
XCP CA   HA   sing N N 376 
XCP C    CA   sing N N 377 
XCP C    OXT  sing N N 378 
XCP O    C    doub N N 379 
XCP HB   CB   sing N N 380 
XCP HG   CG   sing N N 381 
XCP HDA  CD   sing N N 382 
XCP HEA  CE   sing N N 383 
XCP OXT  HXT  sing N N 384 
XPC N    H    sing N N 385 
XPC N    H2   sing N N 386 
XPC CB   N    sing N N 387 
XPC CB   CG   sing N N 388 
XPC CG   HGA  sing N N 389 
XPC ND   CG   sing N N 390 
XPC ND   HND  sing N N 391 
XPC CE   ND   sing N N 392 
XPC CE   HE   sing N N 393 
XPC CE   CA   sing N N 394 
XPC CA   CB   sing N N 395 
XPC CA   HA   sing N N 396 
XPC C    CA   sing N N 397 
XPC C    OXT  sing N N 398 
XPC O    C    doub N N 399 
XPC HB   CB   sing N N 400 
XPC HG   CG   sing N N 401 
XPC HEA  CE   sing N N 402 
XPC OXT  HXT  sing N N 403 
# 
loop_
_pdbx_entity_nonpoly.entity_id 
_pdbx_entity_nonpoly.name 
_pdbx_entity_nonpoly.comp_id 
3 GLYCEROL GOL 
4 water    HOH 
# 
loop_
_pdbx_initial_refinement_model.id 
_pdbx_initial_refinement_model.entity_id_list 
_pdbx_initial_refinement_model.type 
_pdbx_initial_refinement_model.source_name 
_pdbx_initial_refinement_model.accession_code 
_pdbx_initial_refinement_model.details 
1 ? 'experimental model' PDB 3F4Y 'PDB entries 3F4Y and 3F4Z' 
2 ? 'experimental model' PDB 3F4Z 'PDB entries 3F4Y and 3F4Z' 
# 
